data_2VOU
#
_entry.id   2VOU
#
_cell.length_a   185.960
_cell.length_b   185.960
_cell.length_c   104.760
_cell.angle_alpha   90.00
_cell.angle_beta   90.00
_cell.angle_gamma   120.00
#
_symmetry.space_group_name_H-M   'P 32 2 1'
#
loop_
_entity.id
_entity.type
_entity.pdbx_description
1 polymer '2,6-DIHYDROXYPYRIDINE HYDROXYLASE'
2 non-polymer 'FLAVIN-ADENINE DINUCLEOTIDE'
3 non-polymer GLYCEROL
4 non-polymer 'ACETATE ION'
5 water water
#
_entity_poly.entity_id   1
_entity_poly.type   'polypeptide(L)'
_entity_poly.pdbx_seq_one_letter_code
;MSPTTDRIAVVGGSISGLTAALMLRDAGVDVDVYERSPQPLSGFGTGIVVQPELVHYLLEQGVELDSISVPSSSMEYVDA
LTGERVGSVPADWRFTSYDSIYGGLYELFGPERYHTSKCLVGLSQDSETVQMRFSDGTKAEANWVIGADGGASVVRKRLL
GIEPTYAGYVTWRGVLQPGEVADDVWNYFNDKFTYGLLDDGHLIAYPIPGRENAESPRLNFQWYWNVAEGPDLDELMTDV
RGIRLPTSVHNNSLNPHNLRQFHSKGESLFKPFRDLVLNASSPFVTVVADATVDRMVHGRVLLIGDAAVTPRPHAAAGGA
KASDDARTLAEVFTKNHDLRGSLQSWETRQLQQGHAYLNKVKKMASRLQHGGSFEPGNPAFAFGLPKVDEPSVVTNS
;
_entity_poly.pdbx_strand_id   A,B,C
#
# COMPACT_ATOMS: atom_id res chain seq x y z
N SER A 2 41.26 -2.63 -7.02
CA SER A 2 41.85 -3.41 -5.88
C SER A 2 41.00 -3.36 -4.61
N PRO A 3 40.62 -4.54 -4.10
CA PRO A 3 40.10 -4.68 -2.74
C PRO A 3 41.13 -4.15 -1.74
N THR A 4 40.69 -3.87 -0.53
CA THR A 4 41.57 -3.40 0.54
C THR A 4 42.77 -4.30 0.77
N THR A 5 43.88 -3.68 1.15
CA THR A 5 45.03 -4.43 1.60
C THR A 5 44.99 -4.50 3.13
N ASP A 6 43.93 -3.97 3.74
CA ASP A 6 43.77 -4.02 5.21
C ASP A 6 43.51 -5.43 5.76
N ARG A 7 43.82 -5.62 7.04
CA ARG A 7 43.61 -6.89 7.72
C ARG A 7 42.28 -6.84 8.50
N ILE A 8 41.44 -7.84 8.25
CA ILE A 8 40.11 -7.89 8.87
C ILE A 8 39.99 -9.10 9.77
N ALA A 9 39.44 -8.90 10.96
CA ALA A 9 39.20 -9.99 11.88
C ALA A 9 37.70 -10.11 12.02
N VAL A 10 37.23 -11.34 12.13
CA VAL A 10 35.83 -11.59 12.28
C VAL A 10 35.69 -12.40 13.54
N VAL A 11 34.90 -11.88 14.46
CA VAL A 11 34.70 -12.53 15.74
C VAL A 11 33.33 -13.13 15.69
N GLY A 12 33.24 -14.46 15.81
CA GLY A 12 31.99 -15.17 15.58
C GLY A 12 32.04 -15.90 14.23
N GLY A 13 31.91 -17.23 14.25
CA GLY A 13 32.09 -18.04 13.07
C GLY A 13 30.89 -18.82 12.60
N SER A 14 29.72 -18.17 12.61
CA SER A 14 28.48 -18.81 12.22
C SER A 14 27.99 -18.21 10.91
N ILE A 15 26.67 -18.10 10.74
CA ILE A 15 26.11 -17.69 9.48
C ILE A 15 26.69 -16.37 8.98
N SER A 16 26.71 -15.34 9.83
CA SER A 16 27.23 -14.05 9.35
C SER A 16 28.74 -14.02 9.26
N GLY A 17 29.40 -14.51 10.30
CA GLY A 17 30.84 -14.61 10.28
C GLY A 17 31.41 -15.27 9.05
N LEU A 18 30.92 -16.46 8.72
CA LEU A 18 31.50 -17.19 7.62
C LEU A 18 31.19 -16.52 6.28
N THR A 19 29.95 -16.02 6.13
CA THR A 19 29.57 -15.31 4.94
C THR A 19 30.56 -14.15 4.73
N ALA A 20 30.76 -13.33 5.77
CA ALA A 20 31.65 -12.19 5.65
C ALA A 20 33.01 -12.73 5.21
N ALA A 21 33.58 -13.63 6.00
CA ALA A 21 34.92 -14.16 5.71
C ALA A 21 35.09 -14.69 4.29
N LEU A 22 34.17 -15.51 3.82
CA LEU A 22 34.25 -16.16 2.53
C LEU A 22 34.35 -15.14 1.41
N MET A 23 33.47 -14.15 1.45
CA MET A 23 33.41 -13.12 0.47
C MET A 23 34.64 -12.23 0.51
N LEU A 24 35.13 -11.95 1.70
CA LEU A 24 36.38 -11.20 1.78
C LEU A 24 37.53 -12.04 1.26
N ARG A 25 37.62 -13.30 1.69
CA ARG A 25 38.67 -14.19 1.16
C ARG A 25 38.58 -14.30 -0.40
N ASP A 26 37.39 -14.57 -0.93
CA ASP A 26 37.15 -14.58 -2.38
C ASP A 26 37.71 -13.34 -3.05
N ALA A 27 37.54 -12.19 -2.38
CA ALA A 27 37.93 -10.90 -2.96
C ALA A 27 39.43 -10.56 -2.78
N GLY A 28 40.23 -11.45 -2.19
CA GLY A 28 41.65 -11.17 -1.93
C GLY A 28 41.91 -10.55 -0.56
N VAL A 29 40.86 -10.23 0.21
CA VAL A 29 41.06 -9.57 1.49
C VAL A 29 41.59 -10.58 2.49
N ASP A 30 42.55 -10.14 3.30
CA ASP A 30 43.16 -10.98 4.30
C ASP A 30 42.28 -10.97 5.56
N VAL A 31 41.75 -12.13 5.94
CA VAL A 31 40.73 -12.18 6.98
C VAL A 31 40.92 -13.41 7.89
N ASP A 32 40.52 -13.30 9.15
CA ASP A 32 40.58 -14.41 10.10
C ASP A 32 39.26 -14.48 10.85
N VAL A 33 38.87 -15.69 11.24
CA VAL A 33 37.68 -15.87 12.06
C VAL A 33 38.13 -16.34 13.42
N TYR A 34 37.58 -15.76 14.49
CA TYR A 34 37.81 -16.23 15.85
C TYR A 34 36.46 -16.72 16.42
N GLU A 35 36.37 -18.00 16.74
CA GLU A 35 35.11 -18.58 17.19
C GLU A 35 35.29 -19.15 18.58
N ARG A 36 34.35 -18.83 19.49
CA ARG A 36 34.40 -19.29 20.89
C ARG A 36 34.42 -20.81 20.98
N SER A 37 33.71 -21.45 20.06
CA SER A 37 33.51 -22.89 20.09
C SER A 37 34.78 -23.71 19.86
N PRO A 38 34.96 -24.79 20.64
CA PRO A 38 36.19 -25.59 20.51
C PRO A 38 36.24 -26.38 19.21
N GLN A 39 35.09 -26.83 18.73
CA GLN A 39 34.96 -27.52 17.46
C GLN A 39 34.05 -26.68 16.54
N PRO A 40 34.11 -26.95 15.21
CA PRO A 40 33.01 -26.49 14.36
C PRO A 40 31.61 -26.84 14.91
N LEU A 41 30.62 -26.08 14.45
CA LEU A 41 29.36 -25.89 15.17
C LEU A 41 28.29 -26.94 15.00
N SER A 42 27.22 -26.72 15.75
CA SER A 42 25.98 -27.46 15.70
C SER A 42 24.75 -26.60 16.11
N GLY A 43 23.78 -26.59 15.20
CA GLY A 43 22.41 -26.17 15.50
C GLY A 43 21.87 -27.54 15.71
N PHE A 44 20.99 -27.70 16.68
CA PHE A 44 20.61 -29.03 17.16
C PHE A 44 19.54 -29.64 16.23
N GLY A 45 19.80 -29.47 14.91
CA GLY A 45 18.95 -29.96 13.85
C GLY A 45 17.71 -29.13 13.66
N THR A 46 17.77 -27.84 13.94
CA THR A 46 16.53 -27.08 13.89
C THR A 46 16.27 -26.43 12.53
N GLY A 47 15.00 -26.17 12.28
CA GLY A 47 14.58 -25.74 10.99
C GLY A 47 14.90 -24.29 10.74
N ILE A 48 15.12 -23.96 9.47
CA ILE A 48 15.24 -22.60 9.02
C ILE A 48 14.46 -22.46 7.72
N VAL A 49 13.59 -21.46 7.64
CA VAL A 49 12.87 -21.25 6.40
C VAL A 49 13.83 -20.58 5.45
N VAL A 50 13.87 -21.06 4.20
CA VAL A 50 14.82 -20.56 3.24
C VAL A 50 14.36 -19.22 2.68
N GLN A 51 15.22 -18.21 2.80
CA GLN A 51 15.04 -16.97 2.03
C GLN A 51 16.15 -16.85 0.96
N PRO A 52 15.89 -16.09 -0.12
CA PRO A 52 16.94 -15.81 -1.12
C PRO A 52 18.28 -15.42 -0.50
N GLU A 53 18.27 -14.38 0.33
CA GLU A 53 19.46 -13.84 1.00
C GLU A 53 20.26 -14.88 1.75
N LEU A 54 19.57 -15.82 2.39
CA LEU A 54 20.23 -16.80 3.21
C LEU A 54 21.02 -17.79 2.37
N VAL A 55 20.48 -18.22 1.24
CA VAL A 55 21.21 -19.15 0.41
C VAL A 55 21.97 -18.53 -0.75
N HIS A 56 21.95 -17.20 -0.87
CA HIS A 56 22.64 -16.54 -1.98
C HIS A 56 24.10 -17.01 -2.17
N TYR A 57 24.91 -16.96 -1.10
CA TYR A 57 26.33 -17.33 -1.24
C TYR A 57 26.53 -18.74 -1.77
N LEU A 58 25.87 -19.71 -1.13
CA LEU A 58 25.96 -21.11 -1.53
C LEU A 58 25.57 -21.38 -2.99
N LEU A 59 24.43 -20.85 -3.41
CA LEU A 59 23.98 -21.03 -4.77
C LEU A 59 25.04 -20.48 -5.73
N GLU A 60 25.61 -19.32 -5.40
CA GLU A 60 26.63 -18.70 -6.22
C GLU A 60 27.84 -19.62 -6.40
N GLN A 61 28.05 -20.55 -5.45
CA GLN A 61 29.18 -21.47 -5.50
C GLN A 61 28.86 -22.83 -6.16
N GLY A 62 27.61 -23.03 -6.57
CA GLY A 62 27.26 -24.26 -7.29
C GLY A 62 26.45 -25.26 -6.48
N VAL A 63 26.19 -24.98 -5.21
CA VAL A 63 25.32 -25.83 -4.41
C VAL A 63 23.88 -25.80 -4.95
N GLU A 64 23.32 -26.97 -5.21
CA GLU A 64 21.95 -27.02 -5.75
C GLU A 64 20.95 -26.88 -4.60
N LEU A 65 19.96 -25.99 -4.76
CA LEU A 65 18.96 -25.77 -3.71
C LEU A 65 18.26 -27.05 -3.27
N ASP A 66 17.74 -27.83 -4.21
CA ASP A 66 17.04 -29.09 -3.88
C ASP A 66 17.85 -30.08 -2.99
N SER A 67 19.15 -29.82 -2.86
CA SER A 67 20.06 -30.70 -2.12
C SER A 67 20.29 -30.26 -0.71
N ILE A 68 19.89 -29.03 -0.34
CA ILE A 68 20.06 -28.55 1.04
C ILE A 68 18.74 -28.11 1.69
N SER A 69 17.63 -28.40 1.03
CA SER A 69 16.30 -27.92 1.43
C SER A 69 15.17 -28.83 1.01
N VAL A 70 13.97 -28.50 1.42
CA VAL A 70 12.87 -29.44 1.29
C VAL A 70 11.64 -28.60 0.89
N PRO A 71 10.84 -29.07 -0.10
CA PRO A 71 9.64 -28.28 -0.51
C PRO A 71 8.43 -28.26 0.42
N SER A 72 7.46 -27.43 0.05
CA SER A 72 6.14 -27.33 0.70
C SER A 72 5.18 -26.91 -0.39
N SER A 73 3.89 -27.14 -0.22
CA SER A 73 2.95 -26.63 -1.21
C SER A 73 1.75 -25.95 -0.59
N SER A 74 1.74 -25.80 0.72
CA SER A 74 0.79 -24.89 1.33
C SER A 74 1.18 -24.40 2.72
N MET A 75 0.39 -23.46 3.22
CA MET A 75 0.60 -22.91 4.56
C MET A 75 -0.74 -23.07 5.26
N GLU A 76 -0.74 -23.69 6.42
CA GLU A 76 -1.98 -24.06 7.10
C GLU A 76 -2.19 -23.31 8.40
N TYR A 77 -3.44 -23.00 8.70
CA TYR A 77 -3.77 -22.28 9.91
C TYR A 77 -4.82 -23.01 10.69
N VAL A 78 -4.44 -23.50 11.84
CA VAL A 78 -5.28 -24.40 12.59
C VAL A 78 -5.38 -24.01 14.04
N ASP A 79 -6.58 -24.14 14.61
CA ASP A 79 -6.71 -24.07 16.05
C ASP A 79 -6.04 -25.30 16.64
N ALA A 80 -5.00 -25.11 17.44
CA ALA A 80 -4.21 -26.21 17.94
C ALA A 80 -4.81 -26.86 19.19
N LEU A 81 -6.02 -26.46 19.55
CA LEU A 81 -6.75 -27.11 20.62
C LEU A 81 -7.81 -27.99 20.01
N THR A 82 -8.57 -27.44 19.06
CA THR A 82 -9.71 -28.18 18.59
C THR A 82 -9.55 -28.72 17.21
N GLY A 83 -8.49 -28.36 16.52
CA GLY A 83 -8.25 -28.88 15.19
C GLY A 83 -9.03 -28.20 14.08
N GLU A 84 -10.05 -27.41 14.44
CA GLU A 84 -10.71 -26.53 13.49
C GLU A 84 -9.69 -25.81 12.58
N ARG A 85 -9.84 -25.96 11.28
CA ARG A 85 -8.95 -25.33 10.30
C ARG A 85 -9.40 -23.86 10.13
N VAL A 86 -8.54 -22.90 10.44
CA VAL A 86 -8.84 -21.49 10.17
C VAL A 86 -8.74 -21.24 8.67
N GLY A 87 -7.79 -21.89 8.01
CA GLY A 87 -7.64 -21.74 6.57
C GLY A 87 -6.32 -22.28 6.05
N SER A 88 -6.19 -22.35 4.75
CA SER A 88 -4.99 -22.85 4.13
C SER A 88 -4.76 -21.96 2.89
N VAL A 89 -3.51 -21.69 2.53
CA VAL A 89 -3.26 -20.98 1.26
C VAL A 89 -2.11 -21.71 0.56
N PRO A 90 -2.14 -21.78 -0.79
CA PRO A 90 -0.98 -22.25 -1.56
C PRO A 90 0.26 -21.48 -1.16
N ALA A 91 1.42 -22.09 -1.35
CA ALA A 91 2.65 -21.59 -0.75
C ALA A 91 3.71 -22.50 -1.33
N ASP A 92 4.95 -22.03 -1.43
CA ASP A 92 6.04 -22.89 -1.90
C ASP A 92 7.39 -22.61 -1.21
N TRP A 93 7.34 -22.28 0.09
CA TRP A 93 8.52 -22.13 0.85
C TRP A 93 9.31 -23.41 0.78
N ARG A 94 10.62 -23.27 0.70
CA ARG A 94 11.52 -24.35 0.95
C ARG A 94 12.09 -24.20 2.36
N PHE A 95 12.46 -25.32 2.97
CA PHE A 95 12.96 -25.28 4.32
C PHE A 95 14.29 -25.97 4.37
N THR A 96 15.23 -25.39 5.13
CA THR A 96 16.49 -26.02 5.34
C THR A 96 16.73 -26.19 6.84
N SER A 97 18.00 -26.34 7.23
CA SER A 97 18.39 -26.52 8.62
C SER A 97 19.64 -25.71 8.91
N TYR A 98 19.77 -25.29 10.15
CA TYR A 98 20.97 -24.59 10.58
C TYR A 98 22.24 -25.35 10.18
N ASP A 99 22.28 -26.66 10.43
CA ASP A 99 23.43 -27.47 10.05
C ASP A 99 23.69 -27.45 8.58
N SER A 100 22.63 -27.39 7.78
CA SER A 100 22.81 -27.38 6.33
C SER A 100 23.54 -26.11 5.87
N ILE A 101 23.17 -24.97 6.45
CA ILE A 101 23.77 -23.71 6.01
C ILE A 101 25.16 -23.57 6.59
N TYR A 102 25.25 -23.67 7.90
CA TYR A 102 26.54 -23.67 8.54
C TYR A 102 27.53 -24.66 7.88
N GLY A 103 27.11 -25.91 7.73
CA GLY A 103 27.97 -26.98 7.25
C GLY A 103 28.47 -26.67 5.86
N GLY A 104 27.61 -26.05 5.05
CA GLY A 104 27.94 -25.61 3.71
C GLY A 104 28.96 -24.51 3.72
N LEU A 105 28.73 -23.50 4.58
CA LEU A 105 29.66 -22.39 4.70
C LEU A 105 31.01 -22.82 5.26
N TYR A 106 30.99 -23.55 6.39
CA TYR A 106 32.25 -24.03 6.96
C TYR A 106 33.04 -24.91 5.98
N GLU A 107 32.36 -25.86 5.35
CA GLU A 107 33.02 -26.69 4.37
C GLU A 107 33.75 -25.84 3.34
N LEU A 108 33.13 -24.77 2.85
CA LEU A 108 33.80 -23.90 1.86
C LEU A 108 34.96 -23.10 2.42
N PHE A 109 34.91 -22.76 3.70
CA PHE A 109 35.92 -21.91 4.26
C PHE A 109 37.12 -22.72 4.67
N GLY A 110 36.90 -23.79 5.44
CA GLY A 110 38.02 -24.64 5.88
C GLY A 110 38.60 -24.23 7.23
N PRO A 111 39.39 -25.12 7.86
CA PRO A 111 39.89 -24.82 9.19
C PRO A 111 41.06 -23.84 9.25
N GLU A 112 41.84 -23.77 8.14
CA GLU A 112 43.12 -23.02 8.22
C GLU A 112 42.99 -21.67 8.94
N ARG A 113 42.05 -20.83 8.55
CA ARG A 113 41.92 -19.56 9.26
C ARG A 113 40.62 -19.36 10.04
N TYR A 114 40.09 -20.45 10.55
CA TYR A 114 38.91 -20.43 11.40
C TYR A 114 39.41 -20.90 12.74
N HIS A 115 39.62 -19.95 13.64
CA HIS A 115 40.35 -20.22 14.87
C HIS A 115 39.40 -20.55 16.00
N THR A 116 39.30 -21.83 16.28
CA THR A 116 38.40 -22.27 17.32
C THR A 116 39.00 -22.05 18.73
N SER A 117 38.13 -22.10 19.75
CA SER A 117 38.49 -21.76 21.12
C SER A 117 38.97 -20.32 21.28
N LYS A 118 38.46 -19.40 20.48
CA LYS A 118 38.83 -18.02 20.65
C LYS A 118 37.61 -17.23 21.03
N CYS A 119 37.41 -17.10 22.33
CA CYS A 119 36.25 -16.42 22.84
C CYS A 119 36.68 -15.02 23.19
N LEU A 120 36.21 -14.04 22.45
CA LEU A 120 36.53 -12.65 22.76
C LEU A 120 36.02 -12.26 24.16
N VAL A 121 36.82 -11.54 24.92
CA VAL A 121 36.37 -11.09 26.24
C VAL A 121 36.72 -9.62 26.45
N GLY A 122 37.48 -9.04 25.51
CA GLY A 122 37.84 -7.65 25.60
C GLY A 122 38.24 -7.12 24.26
N LEU A 123 38.14 -5.80 24.10
CA LEU A 123 38.31 -5.16 22.83
C LEU A 123 38.74 -3.73 23.08
N SER A 124 39.67 -3.19 22.31
CA SER A 124 39.91 -1.76 22.36
C SER A 124 40.50 -1.34 21.01
N GLN A 125 40.52 -0.03 20.73
CA GLN A 125 40.85 0.44 19.38
C GLN A 125 41.40 1.86 19.35
N ASP A 126 42.18 2.16 18.33
CA ASP A 126 42.71 3.50 18.15
C ASP A 126 42.57 3.81 16.66
N SER A 127 43.16 4.89 16.17
CA SER A 127 42.94 5.24 14.77
C SER A 127 43.49 4.23 13.73
N GLU A 128 44.51 3.45 14.06
CA GLU A 128 44.99 2.39 13.16
C GLU A 128 44.33 1.00 13.31
N THR A 129 44.17 0.52 14.54
CA THR A 129 43.92 -0.89 14.72
C THR A 129 42.96 -1.18 15.87
N VAL A 130 42.58 -2.44 15.97
CA VAL A 130 41.68 -2.93 17.01
C VAL A 130 42.40 -4.12 17.62
N GLN A 131 42.46 -4.17 18.94
CA GLN A 131 43.06 -5.28 19.66
C GLN A 131 41.95 -6.08 20.26
N MET A 132 42.04 -7.39 20.09
CA MET A 132 41.07 -8.31 20.61
C MET A 132 41.75 -9.13 21.69
N ARG A 133 41.03 -9.42 22.78
CA ARG A 133 41.61 -10.23 23.84
C ARG A 133 40.76 -11.45 24.08
N PHE A 134 41.36 -12.62 24.21
CA PHE A 134 40.55 -13.83 24.31
C PHE A 134 40.58 -14.47 25.66
N SER A 135 39.61 -15.35 25.91
CA SER A 135 39.50 -15.92 27.25
C SER A 135 40.65 -16.84 27.60
N ASP A 136 41.47 -17.17 26.61
CA ASP A 136 42.61 -18.06 26.77
C ASP A 136 43.87 -17.25 27.05
N GLY A 137 43.72 -15.93 27.12
CA GLY A 137 44.81 -15.07 27.51
C GLY A 137 45.60 -14.61 26.32
N THR A 138 45.17 -14.94 25.11
CA THR A 138 45.90 -14.42 23.97
C THR A 138 45.20 -13.20 23.38
N LYS A 139 45.86 -12.57 22.43
CA LYS A 139 45.34 -11.41 21.80
C LYS A 139 45.54 -11.50 20.28
N ALA A 140 44.64 -10.95 19.49
CA ALA A 140 44.94 -10.73 18.09
C ALA A 140 44.73 -9.26 17.75
N GLU A 141 45.20 -8.88 16.59
CA GLU A 141 45.14 -7.51 16.16
C GLU A 141 44.57 -7.44 14.76
N ALA A 142 43.70 -6.47 14.49
CA ALA A 142 43.26 -6.21 13.09
C ALA A 142 43.06 -4.72 12.82
N ASN A 143 42.94 -4.37 11.54
CA ASN A 143 42.47 -3.03 11.17
C ASN A 143 40.98 -2.85 11.33
N TRP A 144 40.23 -3.91 11.05
CA TRP A 144 38.79 -3.88 11.20
C TRP A 144 38.36 -5.15 11.89
N VAL A 145 37.35 -5.03 12.75
CA VAL A 145 36.81 -6.18 13.45
C VAL A 145 35.31 -6.21 13.18
N ILE A 146 34.82 -7.36 12.73
CA ILE A 146 33.41 -7.52 12.49
C ILE A 146 32.84 -8.36 13.62
N GLY A 147 31.94 -7.77 14.39
CA GLY A 147 31.27 -8.46 15.47
C GLY A 147 30.16 -9.27 14.86
N ALA A 148 30.46 -10.54 14.60
CA ALA A 148 29.49 -11.47 14.08
C ALA A 148 29.19 -12.46 15.21
N ASP A 149 29.17 -12.00 16.45
CA ASP A 149 29.05 -12.96 17.57
C ASP A 149 27.66 -13.18 18.13
N GLY A 150 26.61 -12.92 17.35
CA GLY A 150 25.26 -13.40 17.68
C GLY A 150 24.47 -12.58 18.70
N GLY A 151 23.32 -13.12 19.12
CA GLY A 151 22.38 -12.42 20.01
C GLY A 151 22.97 -11.97 21.34
N ALA A 152 23.90 -12.74 21.87
CA ALA A 152 24.52 -12.37 23.12
C ALA A 152 25.92 -11.81 22.86
N SER A 153 26.03 -11.11 21.73
CA SER A 153 27.31 -10.55 21.27
C SER A 153 28.07 -9.86 22.39
N VAL A 154 29.27 -10.35 22.71
CA VAL A 154 30.16 -9.68 23.63
C VAL A 154 30.64 -8.34 23.00
N VAL A 155 30.92 -8.35 21.69
CA VAL A 155 31.37 -7.15 21.04
C VAL A 155 30.41 -6.00 21.32
N ARG A 156 29.12 -6.26 21.09
CA ARG A 156 28.12 -5.27 21.33
C ARG A 156 27.98 -4.97 22.81
N LYS A 157 28.05 -5.98 23.67
CA LYS A 157 28.07 -5.68 25.09
C LYS A 157 29.23 -4.75 25.50
N ARG A 158 30.43 -4.98 24.99
CA ARG A 158 31.56 -4.15 25.39
C ARG A 158 31.48 -2.73 24.84
N LEU A 159 31.11 -2.59 23.58
CA LEU A 159 30.98 -1.27 22.98
C LEU A 159 29.79 -0.46 23.50
N LEU A 160 28.67 -1.12 23.79
CA LEU A 160 27.43 -0.38 23.96
C LEU A 160 26.63 -0.65 25.18
N GLY A 161 26.93 -1.74 25.89
CA GLY A 161 26.21 -2.09 27.09
C GLY A 161 24.89 -2.77 26.79
N ILE A 162 24.65 -3.11 25.52
CA ILE A 162 23.37 -3.73 25.14
C ILE A 162 23.39 -5.26 25.13
N GLU A 163 22.37 -5.85 25.76
CA GLU A 163 22.17 -7.29 25.75
C GLU A 163 20.73 -7.53 25.44
N PRO A 164 20.36 -8.77 25.07
CA PRO A 164 18.96 -9.05 24.78
C PRO A 164 18.04 -8.79 25.97
N THR A 165 16.82 -8.31 25.66
CA THR A 165 15.76 -8.08 26.60
C THR A 165 14.77 -9.20 26.36
N TYR A 166 14.37 -9.87 27.43
CA TYR A 166 13.37 -10.87 27.38
C TYR A 166 12.08 -10.28 26.76
N ALA A 167 11.47 -11.02 25.83
CA ALA A 167 10.26 -10.55 25.16
C ALA A 167 8.92 -11.04 25.78
N GLY A 168 9.01 -11.89 26.81
CA GLY A 168 7.82 -12.30 27.52
C GLY A 168 7.50 -13.75 27.30
N TYR A 169 8.23 -14.39 26.39
CA TYR A 169 7.94 -15.75 26.02
C TYR A 169 9.18 -16.57 25.60
N VAL A 170 8.99 -17.88 25.51
CA VAL A 170 10.07 -18.78 25.15
C VAL A 170 9.54 -19.67 24.08
N THR A 171 10.42 -20.43 23.46
CA THR A 171 9.98 -21.41 22.50
C THR A 171 10.63 -22.72 22.80
N TRP A 172 9.80 -23.76 22.88
CA TRP A 172 10.26 -25.13 22.89
C TRP A 172 10.60 -25.53 21.46
N ARG A 173 11.63 -26.35 21.28
CA ARG A 173 12.10 -26.76 19.94
C ARG A 173 12.30 -28.27 19.87
N GLY A 174 11.81 -28.88 18.81
CA GLY A 174 11.80 -30.32 18.72
C GLY A 174 11.89 -30.73 17.29
N VAL A 175 12.45 -31.92 17.06
CA VAL A 175 12.60 -32.42 15.73
C VAL A 175 12.18 -33.88 15.72
N LEU A 176 11.34 -34.27 14.76
CA LEU A 176 10.94 -35.67 14.68
C LEU A 176 11.50 -36.37 13.46
N GLN A 177 11.81 -37.66 13.66
CA GLN A 177 12.30 -38.49 12.61
C GLN A 177 11.21 -39.44 12.14
N PRO A 178 11.27 -39.92 10.91
CA PRO A 178 10.25 -40.87 10.48
C PRO A 178 10.03 -42.03 11.49
N GLY A 179 8.75 -42.31 11.75
CA GLY A 179 8.30 -43.38 12.63
C GLY A 179 8.19 -43.00 14.11
N GLU A 180 8.63 -41.81 14.50
CA GLU A 180 8.46 -41.36 15.88
C GLU A 180 7.03 -40.89 16.16
N VAL A 181 6.28 -40.63 15.10
CA VAL A 181 4.83 -40.41 15.17
C VAL A 181 4.16 -41.26 14.11
N ALA A 182 2.86 -41.52 14.30
CA ALA A 182 2.06 -42.29 13.37
C ALA A 182 2.11 -41.64 11.97
N ASP A 183 1.97 -42.46 10.93
CA ASP A 183 1.98 -41.96 9.56
C ASP A 183 0.95 -40.88 9.32
N ASP A 184 -0.23 -41.01 9.91
CA ASP A 184 -1.23 -40.01 9.60
C ASP A 184 -0.88 -38.65 10.20
N VAL A 185 -0.12 -38.66 11.30
CA VAL A 185 0.34 -37.43 11.88
C VAL A 185 1.49 -36.93 11.05
N TRP A 186 2.35 -37.81 10.59
CA TRP A 186 3.41 -37.31 9.73
C TRP A 186 2.81 -36.64 8.49
N ASN A 187 1.81 -37.26 7.88
CA ASN A 187 1.21 -36.72 6.66
C ASN A 187 0.49 -35.40 6.85
N TYR A 188 -0.07 -35.22 8.03
CA TYR A 188 -0.70 -33.98 8.40
C TYR A 188 0.24 -32.76 8.30
N PHE A 189 1.50 -32.90 8.72
CA PHE A 189 2.44 -31.79 8.75
C PHE A 189 3.37 -31.76 7.57
N ASN A 190 3.60 -32.89 6.94
CA ASN A 190 4.53 -32.93 5.83
C ASN A 190 4.11 -32.07 4.65
N ASP A 191 5.11 -31.45 4.01
CA ASP A 191 4.95 -30.68 2.78
C ASP A 191 4.16 -29.37 3.01
N LYS A 192 4.24 -28.83 4.23
CA LYS A 192 3.43 -27.70 4.64
C LYS A 192 4.13 -26.98 5.73
N PHE A 193 3.89 -25.68 5.84
CA PHE A 193 4.17 -24.96 7.09
C PHE A 193 2.83 -24.87 7.81
N THR A 194 2.77 -25.23 9.07
CA THR A 194 1.49 -25.24 9.77
C THR A 194 1.57 -24.34 11.00
N TYR A 195 0.60 -23.44 11.17
CA TYR A 195 0.47 -22.72 12.44
C TYR A 195 -0.61 -23.38 13.27
N GLY A 196 -0.29 -23.76 14.49
CA GLY A 196 -1.34 -24.20 15.43
C GLY A 196 -1.50 -23.07 16.41
N LEU A 197 -2.63 -22.39 16.35
CA LEU A 197 -2.82 -21.15 17.12
C LEU A 197 -3.62 -21.45 18.38
N LEU A 198 -3.26 -20.81 19.47
CA LEU A 198 -3.98 -20.95 20.72
C LEU A 198 -4.43 -19.58 21.22
N ASP A 199 -5.22 -19.53 22.28
CA ASP A 199 -5.59 -18.25 22.87
C ASP A 199 -4.42 -17.53 23.49
N ASP A 200 -3.36 -18.26 23.88
CA ASP A 200 -2.23 -17.57 24.48
C ASP A 200 -0.86 -18.08 24.05
N GLY A 201 -0.69 -18.33 22.75
CA GLY A 201 0.58 -18.85 22.20
C GLY A 201 0.31 -19.60 20.91
N HIS A 202 1.36 -20.17 20.34
CA HIS A 202 1.19 -20.94 19.09
C HIS A 202 2.31 -21.93 18.86
N LEU A 203 2.04 -22.90 17.97
CA LEU A 203 3.04 -23.85 17.52
C LEU A 203 3.24 -23.59 16.06
N ILE A 204 4.42 -23.93 15.57
CA ILE A 204 4.63 -23.96 14.12
C ILE A 204 5.23 -25.33 13.83
N ALA A 205 5.02 -25.86 12.63
CA ALA A 205 5.65 -27.12 12.24
C ALA A 205 5.92 -27.12 10.76
N TYR A 206 7.08 -27.64 10.37
CA TYR A 206 7.34 -27.81 8.96
C TYR A 206 8.39 -28.87 8.69
N PRO A 207 8.42 -29.40 7.46
CA PRO A 207 9.39 -30.47 7.22
C PRO A 207 10.75 -29.87 7.04
N ILE A 208 11.81 -30.64 7.30
CA ILE A 208 13.20 -30.20 7.12
C ILE A 208 14.04 -31.36 6.62
N PRO A 209 15.23 -31.07 6.10
CA PRO A 209 16.09 -32.13 5.64
C PRO A 209 16.59 -33.07 6.75
N GLY A 210 16.87 -34.32 6.35
CA GLY A 210 17.61 -35.27 7.17
C GLY A 210 18.93 -34.72 7.68
N ARG A 211 19.23 -35.02 8.94
CA ARG A 211 20.50 -34.70 9.59
C ARG A 211 21.78 -34.94 8.74
N GLU A 212 21.78 -35.96 7.87
CA GLU A 212 22.88 -36.14 6.93
C GLU A 212 22.39 -36.36 5.51
N ASN A 213 23.22 -35.94 4.54
CA ASN A 213 22.92 -36.01 3.10
C ASN A 213 21.88 -37.06 2.73
N ALA A 214 22.15 -38.31 3.12
CA ALA A 214 21.37 -39.45 2.62
C ALA A 214 20.11 -39.76 3.44
N GLU A 215 20.05 -39.27 4.67
CA GLU A 215 18.92 -39.58 5.57
C GLU A 215 17.59 -38.96 5.08
N SER A 216 16.47 -39.49 5.58
CA SER A 216 15.11 -39.01 5.21
C SER A 216 14.80 -37.65 5.84
N PRO A 217 13.79 -36.92 5.31
CA PRO A 217 13.40 -35.63 5.87
C PRO A 217 12.77 -35.79 7.24
N ARG A 218 12.73 -34.71 8.00
CA ARG A 218 12.27 -34.72 9.37
C ARG A 218 11.15 -33.71 9.57
N LEU A 219 10.56 -33.65 10.76
CA LEU A 219 9.63 -32.60 11.06
C LEU A 219 10.13 -31.72 12.16
N ASN A 220 10.21 -30.44 11.88
CA ASN A 220 10.70 -29.48 12.83
C ASN A 220 9.48 -28.82 13.46
N PHE A 221 9.50 -28.53 14.76
CA PHE A 221 8.39 -27.81 15.34
C PHE A 221 8.81 -26.95 16.52
N GLN A 222 8.01 -25.93 16.81
CA GLN A 222 8.24 -25.09 17.97
C GLN A 222 6.93 -24.80 18.67
N TRP A 223 6.99 -24.59 19.97
CA TRP A 223 5.82 -24.20 20.72
C TRP A 223 6.23 -23.00 21.57
N TYR A 224 5.63 -21.83 21.31
CA TYR A 224 5.93 -20.62 22.05
C TYR A 224 5.06 -20.48 23.28
N TRP A 225 5.67 -20.36 24.46
CA TRP A 225 4.92 -20.21 25.70
C TRP A 225 5.17 -18.85 26.35
N ASN A 226 4.13 -18.17 26.80
CA ASN A 226 4.34 -16.94 27.55
C ASN A 226 4.76 -17.35 28.95
N VAL A 227 5.90 -16.87 29.41
CA VAL A 227 6.34 -17.20 30.76
C VAL A 227 6.75 -15.93 31.46
N ALA A 228 6.12 -15.64 32.59
CA ALA A 228 6.36 -14.42 33.34
C ALA A 228 7.84 -14.34 33.79
N GLU A 229 8.50 -13.23 33.45
CA GLU A 229 9.80 -12.89 34.00
C GLU A 229 9.81 -13.02 35.54
N GLY A 230 10.96 -13.34 36.13
CA GLY A 230 11.06 -13.62 37.56
C GLY A 230 10.90 -15.10 37.89
N PRO A 231 10.34 -15.41 39.06
CA PRO A 231 10.27 -16.82 39.49
C PRO A 231 9.90 -17.81 38.40
N ASP A 232 8.86 -17.54 37.63
CA ASP A 232 8.46 -18.52 36.63
C ASP A 232 9.55 -18.74 35.59
N LEU A 233 10.15 -17.68 35.05
CA LEU A 233 11.07 -17.88 33.98
C LEU A 233 12.35 -18.43 34.58
N ASP A 234 12.69 -17.94 35.76
CA ASP A 234 13.88 -18.42 36.42
C ASP A 234 13.80 -19.93 36.65
N GLU A 235 12.66 -20.47 37.04
CA GLU A 235 12.59 -21.91 37.24
C GLU A 235 12.62 -22.71 35.89
N LEU A 236 12.02 -22.15 34.85
CA LEU A 236 12.09 -22.81 33.58
C LEU A 236 13.54 -22.84 33.08
N MET A 237 14.27 -21.73 33.25
CA MET A 237 15.59 -21.60 32.68
C MET A 237 16.67 -22.17 33.56
N THR A 238 16.33 -22.82 34.66
CA THR A 238 17.40 -23.38 35.48
C THR A 238 17.57 -24.87 35.15
N ASP A 239 18.80 -25.28 34.86
CA ASP A 239 19.07 -26.64 34.47
C ASP A 239 19.09 -27.64 35.64
N VAL A 240 19.34 -28.91 35.36
CA VAL A 240 19.26 -29.93 36.41
C VAL A 240 20.34 -29.72 37.49
N ARG A 241 21.35 -28.94 37.13
CA ARG A 241 22.43 -28.73 38.08
C ARG A 241 22.28 -27.45 38.91
N GLY A 242 21.18 -26.73 38.73
CA GLY A 242 20.98 -25.52 39.47
C GLY A 242 21.46 -24.26 38.81
N ILE A 243 22.04 -24.30 37.60
CA ILE A 243 22.48 -23.07 36.95
C ILE A 243 21.35 -22.42 36.22
N ARG A 244 21.08 -21.13 36.49
CA ARG A 244 20.08 -20.43 35.73
C ARG A 244 20.71 -19.89 34.44
N LEU A 245 20.37 -20.51 33.33
CA LEU A 245 20.97 -20.25 32.03
C LEU A 245 20.41 -19.05 31.30
N PRO A 246 21.25 -18.38 30.51
CA PRO A 246 20.77 -17.18 29.81
C PRO A 246 19.93 -17.38 28.57
N THR A 247 20.06 -18.47 27.87
CA THR A 247 19.43 -18.50 26.55
C THR A 247 18.68 -19.79 26.29
N SER A 248 19.34 -20.92 26.48
CA SER A 248 18.74 -22.21 26.23
C SER A 248 19.05 -23.17 27.34
N VAL A 249 18.12 -24.09 27.60
CA VAL A 249 18.42 -25.23 28.43
C VAL A 249 18.25 -26.40 27.48
N HIS A 250 19.37 -27.06 27.18
CA HIS A 250 19.40 -28.12 26.21
C HIS A 250 18.83 -29.37 26.81
N ASN A 251 18.33 -30.25 25.95
CA ASN A 251 17.62 -31.42 26.43
C ASN A 251 18.34 -32.22 27.54
N ASN A 252 19.63 -32.47 27.36
CA ASN A 252 20.27 -33.34 28.31
C ASN A 252 20.38 -32.67 29.65
N SER A 253 20.01 -31.40 29.72
CA SER A 253 20.13 -30.71 30.98
C SER A 253 18.82 -30.24 31.63
N LEU A 254 17.67 -30.62 31.08
CA LEU A 254 16.45 -30.08 31.60
C LEU A 254 16.17 -30.58 32.98
N ASN A 255 15.65 -29.71 33.83
CA ASN A 255 15.02 -30.15 35.01
C ASN A 255 13.86 -31.07 34.59
N PRO A 256 13.88 -32.33 35.05
CA PRO A 256 12.84 -33.26 34.71
C PRO A 256 11.43 -32.71 34.92
N HIS A 257 11.26 -31.85 35.92
CA HIS A 257 9.96 -31.23 36.16
C HIS A 257 9.50 -30.39 34.93
N ASN A 258 10.44 -29.65 34.33
CA ASN A 258 10.14 -28.82 33.15
C ASN A 258 9.75 -29.70 31.98
N LEU A 259 10.45 -30.82 31.87
CA LEU A 259 10.15 -31.73 30.77
C LEU A 259 8.75 -32.36 31.01
N ARG A 260 8.41 -32.75 32.23
CA ARG A 260 7.08 -33.23 32.49
C ARG A 260 6.02 -32.19 32.16
N GLN A 261 6.28 -30.92 32.49
CA GLN A 261 5.35 -29.82 32.22
C GLN A 261 5.15 -29.65 30.72
N PHE A 262 6.23 -29.69 29.95
CA PHE A 262 6.12 -29.60 28.51
C PHE A 262 5.18 -30.69 28.02
N HIS A 263 5.35 -31.93 28.53
CA HIS A 263 4.51 -33.05 28.05
C HIS A 263 3.09 -32.96 28.52
N SER A 264 2.94 -32.59 29.76
CA SER A 264 1.65 -32.52 30.34
C SER A 264 0.78 -31.38 29.72
N LYS A 265 1.36 -30.21 29.47
CA LYS A 265 0.58 -29.18 28.78
C LYS A 265 0.33 -29.66 27.37
N GLY A 266 1.28 -30.42 26.82
CA GLY A 266 1.13 -30.89 25.44
C GLY A 266 -0.06 -31.80 25.27
N GLU A 267 -0.43 -32.46 26.37
CA GLU A 267 -1.54 -33.39 26.43
C GLU A 267 -2.86 -32.78 26.04
N SER A 268 -3.05 -31.48 26.21
CA SER A 268 -4.29 -30.79 25.85
C SER A 268 -4.43 -30.39 24.37
N LEU A 269 -3.35 -30.47 23.61
CA LEU A 269 -3.43 -30.05 22.23
C LEU A 269 -4.20 -31.02 21.34
N PHE A 270 -4.64 -30.52 20.19
CA PHE A 270 -5.30 -31.34 19.20
C PHE A 270 -4.31 -32.42 18.81
N LYS A 271 -4.78 -33.64 18.61
CA LYS A 271 -3.95 -34.82 18.44
C LYS A 271 -2.56 -34.67 17.77
N PRO A 272 -2.51 -34.32 16.47
CA PRO A 272 -1.24 -34.26 15.78
C PRO A 272 -0.20 -33.34 16.40
N PHE A 273 -0.61 -32.25 17.02
CA PHE A 273 0.34 -31.37 17.74
C PHE A 273 0.74 -32.04 19.05
N ARG A 274 -0.24 -32.58 19.77
CA ARG A 274 -0.02 -33.37 20.98
C ARG A 274 1.06 -34.43 20.68
N ASP A 275 0.96 -35.11 19.53
CA ASP A 275 1.91 -36.15 19.18
C ASP A 275 3.35 -35.63 18.91
N LEU A 276 3.49 -34.47 18.27
CA LEU A 276 4.81 -33.88 18.14
C LEU A 276 5.46 -33.69 19.50
N VAL A 277 4.69 -33.13 20.43
CA VAL A 277 5.23 -32.69 21.71
C VAL A 277 5.58 -33.89 22.56
N LEU A 278 4.73 -34.91 22.53
CA LEU A 278 4.94 -36.07 23.38
C LEU A 278 5.96 -37.00 22.76
N ASN A 279 6.14 -36.96 21.45
CA ASN A 279 7.09 -37.89 20.90
C ASN A 279 8.48 -37.37 20.62
N ALA A 280 8.69 -36.07 20.66
CA ALA A 280 10.06 -35.59 20.40
C ALA A 280 11.05 -36.22 21.41
N SER A 281 12.20 -36.62 20.91
CA SER A 281 13.12 -37.28 21.81
C SER A 281 14.01 -36.30 22.56
N SER A 282 14.29 -35.14 21.96
CA SER A 282 15.13 -34.16 22.66
C SER A 282 14.65 -32.73 22.56
N PRO A 283 13.44 -32.47 23.07
CA PRO A 283 12.95 -31.11 23.01
C PRO A 283 13.81 -30.27 23.97
N PHE A 284 13.90 -28.97 23.71
CA PHE A 284 14.72 -28.09 24.54
C PHE A 284 14.12 -26.71 24.42
N VAL A 285 14.57 -25.77 25.24
CA VAL A 285 13.87 -24.50 25.36
C VAL A 285 14.83 -23.34 25.20
N THR A 286 14.34 -22.25 24.65
CA THR A 286 15.19 -21.13 24.31
C THR A 286 14.36 -19.90 24.58
N VAL A 287 14.92 -18.90 25.28
CA VAL A 287 14.19 -17.65 25.47
C VAL A 287 14.01 -16.86 24.18
N VAL A 288 12.93 -16.10 24.11
CA VAL A 288 12.79 -15.11 23.05
C VAL A 288 13.20 -13.74 23.64
N ALA A 289 14.18 -13.10 23.01
CA ALA A 289 14.72 -11.87 23.55
C ALA A 289 15.20 -11.09 22.34
N ASP A 290 15.08 -9.77 22.39
CA ASP A 290 15.51 -9.01 21.24
C ASP A 290 16.36 -7.85 21.71
N ALA A 291 17.07 -7.25 20.76
CA ALA A 291 17.86 -6.08 21.06
C ALA A 291 18.05 -5.26 19.81
N THR A 292 18.29 -3.99 20.01
CA THR A 292 18.50 -3.11 18.89
C THR A 292 19.70 -2.21 19.16
N VAL A 293 20.07 -1.44 18.15
CA VAL A 293 21.28 -0.71 18.09
C VAL A 293 21.08 0.48 17.13
N ASP A 294 21.57 1.67 17.49
CA ASP A 294 21.41 2.84 16.63
C ASP A 294 22.45 2.91 15.52
N ARG A 295 23.64 2.36 15.78
CA ARG A 295 24.72 2.36 14.81
C ARG A 295 25.28 0.94 14.73
N MET A 296 25.79 0.59 13.57
CA MET A 296 26.44 -0.68 13.38
C MET A 296 27.90 -0.42 13.19
N VAL A 297 28.25 0.86 13.05
CA VAL A 297 29.65 1.28 12.90
C VAL A 297 30.18 1.97 14.18
N HIS A 298 31.23 1.42 14.75
CA HIS A 298 31.80 1.96 15.95
C HIS A 298 33.29 2.01 15.79
N GLY A 299 33.74 3.09 15.18
CA GLY A 299 35.15 3.26 14.87
C GLY A 299 35.55 2.22 13.85
N ARG A 300 36.32 1.24 14.30
CA ARG A 300 36.81 0.23 13.39
C ARG A 300 36.14 -1.13 13.66
N VAL A 301 35.09 -1.11 14.47
CA VAL A 301 34.35 -2.32 14.82
C VAL A 301 32.95 -2.22 14.25
N LEU A 302 32.52 -3.27 13.56
CA LEU A 302 31.22 -3.30 12.88
C LEU A 302 30.39 -4.41 13.45
N LEU A 303 29.09 -4.20 13.54
CA LEU A 303 28.20 -5.22 14.07
C LEU A 303 27.38 -5.73 12.94
N ILE A 304 27.28 -7.04 12.80
CA ILE A 304 26.37 -7.58 11.79
C ILE A 304 25.57 -8.76 12.35
N GLY A 305 24.49 -9.13 11.65
CA GLY A 305 23.74 -10.32 11.98
C GLY A 305 23.07 -10.10 13.32
N ASP A 306 22.82 -11.17 14.10
CA ASP A 306 22.13 -11.05 15.40
C ASP A 306 22.89 -10.15 16.40
N ALA A 307 24.10 -9.74 16.06
CA ALA A 307 24.89 -8.90 16.93
C ALA A 307 24.60 -7.42 16.75
N ALA A 308 23.97 -7.07 15.62
CA ALA A 308 23.49 -5.70 15.40
C ALA A 308 22.07 -5.60 15.96
N VAL A 309 21.06 -5.88 15.14
CA VAL A 309 19.68 -6.01 15.62
C VAL A 309 19.37 -7.48 15.88
N THR A 310 18.96 -7.83 17.10
CA THR A 310 18.71 -9.21 17.46
C THR A 310 17.23 -9.39 17.29
N PRO A 311 16.84 -10.31 16.38
CA PRO A 311 15.45 -10.50 15.98
C PRO A 311 14.73 -11.54 16.88
N ARG A 312 13.43 -11.71 16.64
CA ARG A 312 12.62 -12.79 17.17
C ARG A 312 12.35 -13.56 15.88
N PRO A 313 12.10 -14.89 15.99
CA PRO A 313 12.07 -15.84 14.86
C PRO A 313 10.85 -15.79 13.94
N HIS A 314 9.88 -14.91 14.20
CA HIS A 314 8.56 -15.08 13.62
C HIS A 314 8.44 -14.93 12.11
N ALA A 315 9.22 -14.03 11.52
CA ALA A 315 9.23 -13.87 10.05
C ALA A 315 10.31 -14.71 9.39
N ALA A 316 11.00 -15.56 10.16
CA ALA A 316 11.85 -16.61 9.58
C ALA A 316 12.85 -16.04 8.56
N ALA A 317 13.47 -14.92 8.91
CA ALA A 317 14.48 -14.38 8.01
C ALA A 317 15.71 -13.86 8.76
N GLY A 318 15.81 -14.18 10.05
CA GLY A 318 16.97 -13.78 10.87
C GLY A 318 18.32 -14.09 10.20
N GLY A 319 18.49 -15.35 9.83
CA GLY A 319 19.68 -15.79 9.16
C GLY A 319 19.85 -15.16 7.80
N ALA A 320 18.74 -14.74 7.19
CA ALA A 320 18.81 -13.98 5.95
C ALA A 320 19.30 -12.54 6.19
N LYS A 321 18.87 -11.92 7.29
CA LYS A 321 19.29 -10.57 7.67
C LYS A 321 20.79 -10.62 7.92
N ALA A 322 21.22 -11.71 8.52
CA ALA A 322 22.61 -11.89 8.85
C ALA A 322 23.48 -12.06 7.61
N SER A 323 22.96 -12.78 6.62
CA SER A 323 23.75 -13.06 5.44
C SER A 323 23.90 -11.74 4.69
N ASP A 324 22.80 -11.01 4.58
CA ASP A 324 22.75 -9.76 3.89
C ASP A 324 23.71 -8.72 4.52
N ASP A 325 23.63 -8.57 5.84
CA ASP A 325 24.58 -7.77 6.59
C ASP A 325 26.02 -8.15 6.17
N ALA A 326 26.32 -9.44 6.15
CA ALA A 326 27.65 -9.90 5.76
C ALA A 326 28.00 -9.54 4.30
N ARG A 327 27.04 -9.69 3.40
CA ARG A 327 27.31 -9.60 1.99
C ARG A 327 27.60 -8.13 1.63
N THR A 328 26.67 -7.26 2.02
CA THR A 328 26.80 -5.83 1.80
C THR A 328 28.07 -5.31 2.46
N LEU A 329 28.46 -5.85 3.62
CA LEU A 329 29.67 -5.39 4.29
C LEU A 329 30.93 -5.78 3.54
N ALA A 330 31.03 -7.06 3.17
CA ALA A 330 32.13 -7.56 2.33
C ALA A 330 32.27 -6.73 1.05
N GLU A 331 31.14 -6.43 0.41
CA GLU A 331 31.12 -5.61 -0.76
C GLU A 331 31.81 -4.26 -0.50
N VAL A 332 31.61 -3.69 0.70
CA VAL A 332 32.21 -2.37 1.02
C VAL A 332 33.73 -2.42 0.93
N PHE A 333 34.32 -3.46 1.54
CA PHE A 333 35.76 -3.68 1.55
C PHE A 333 36.27 -4.20 0.20
N THR A 334 35.37 -4.83 -0.57
CA THR A 334 35.65 -5.21 -1.95
C THR A 334 35.85 -3.95 -2.79
N LYS A 335 34.84 -3.09 -2.79
CA LYS A 335 34.83 -1.89 -3.61
C LYS A 335 35.93 -0.92 -3.14
N ASN A 336 36.12 -0.78 -1.82
CA ASN A 336 37.34 -0.13 -1.30
C ASN A 336 37.55 1.29 -1.87
N HIS A 337 36.55 2.13 -1.62
CA HIS A 337 36.54 3.50 -2.08
C HIS A 337 35.92 4.34 -0.97
N ASP A 338 36.75 5.07 -0.22
CA ASP A 338 36.27 5.83 0.93
C ASP A 338 35.49 4.95 1.91
N LEU A 339 36.24 4.10 2.60
CA LEU A 339 35.71 3.21 3.62
C LEU A 339 34.90 3.92 4.69
N ARG A 340 35.37 5.06 5.19
CA ARG A 340 34.59 5.76 6.19
C ARG A 340 33.21 6.12 5.63
N GLY A 341 33.20 6.71 4.44
CA GLY A 341 31.96 7.07 3.77
C GLY A 341 31.06 5.91 3.44
N SER A 342 31.64 4.87 2.84
CA SER A 342 30.86 3.72 2.38
C SER A 342 30.19 3.05 3.56
N LEU A 343 30.92 2.96 4.68
CA LEU A 343 30.42 2.28 5.86
C LEU A 343 29.29 3.03 6.46
N GLN A 344 29.36 4.36 6.44
CA GLN A 344 28.23 5.17 6.84
C GLN A 344 26.97 4.85 5.99
N SER A 345 27.12 4.88 4.66
CA SER A 345 26.04 4.50 3.74
C SER A 345 25.54 3.07 3.96
N TRP A 346 26.49 2.18 4.24
CA TRP A 346 26.18 0.79 4.42
C TRP A 346 25.25 0.61 5.62
N GLU A 347 25.62 1.19 6.76
CA GLU A 347 24.85 0.96 7.99
C GLU A 347 23.45 1.55 7.95
N THR A 348 23.30 2.65 7.24
CA THR A 348 22.00 3.30 7.07
C THR A 348 20.98 2.34 6.46
N ARG A 349 21.35 1.75 5.32
CA ARG A 349 20.52 0.75 4.72
C ARG A 349 20.29 -0.38 5.74
N GLN A 350 21.36 -0.98 6.23
CA GLN A 350 21.22 -2.17 7.07
C GLN A 350 20.50 -1.93 8.39
N LEU A 351 20.61 -0.72 8.95
CA LEU A 351 19.82 -0.40 10.11
C LEU A 351 18.34 -0.33 9.79
N GLN A 352 17.97 0.34 8.68
CA GLN A 352 16.57 0.46 8.31
C GLN A 352 16.01 -0.92 8.10
N GLN A 353 16.74 -1.74 7.33
CA GLN A 353 16.35 -3.15 7.19
C GLN A 353 16.19 -3.79 8.55
N GLY A 354 17.21 -3.63 9.40
CA GLY A 354 17.19 -4.21 10.75
C GLY A 354 16.04 -3.76 11.62
N HIS A 355 15.74 -2.46 11.65
CA HIS A 355 14.65 -1.94 12.50
C HIS A 355 13.28 -2.38 12.01
N ALA A 356 13.13 -2.41 10.69
CA ALA A 356 11.87 -2.76 10.06
C ALA A 356 11.57 -4.24 10.30
N TYR A 357 12.59 -5.07 10.23
CA TYR A 357 12.43 -6.47 10.55
C TYR A 357 11.99 -6.68 12.00
N LEU A 358 12.52 -5.86 12.90
CA LEU A 358 12.23 -6.02 14.31
C LEU A 358 10.80 -5.62 14.56
N ASN A 359 10.38 -4.49 13.99
CA ASN A 359 8.98 -4.08 14.09
C ASN A 359 7.98 -5.11 13.58
N LYS A 360 8.29 -5.75 12.46
CA LYS A 360 7.41 -6.76 11.90
C LYS A 360 7.24 -7.96 12.85
N VAL A 361 8.32 -8.55 13.27
CA VAL A 361 8.20 -9.72 14.15
C VAL A 361 7.60 -9.35 15.52
N LYS A 362 7.76 -8.09 15.92
CA LYS A 362 7.09 -7.60 17.10
C LYS A 362 5.59 -7.60 16.92
N LYS A 363 5.13 -7.04 15.80
CA LYS A 363 3.71 -7.00 15.48
C LYS A 363 3.19 -8.43 15.35
N MET A 364 3.96 -9.30 14.71
CA MET A 364 3.54 -10.69 14.57
C MET A 364 3.33 -11.32 15.93
N ALA A 365 4.28 -11.11 16.84
CA ALA A 365 4.21 -11.67 18.17
C ALA A 365 3.02 -11.17 18.96
N SER A 366 2.56 -9.96 18.65
CA SER A 366 1.49 -9.41 19.44
C SER A 366 0.18 -10.04 19.02
N ARG A 367 0.15 -10.63 17.82
CA ARG A 367 -1.00 -11.43 17.43
C ARG A 367 -0.84 -12.86 17.92
N LEU A 368 0.34 -13.42 17.66
CA LEU A 368 0.60 -14.85 17.76
C LEU A 368 0.71 -15.37 19.17
N GLN A 369 1.05 -14.50 20.12
CA GLN A 369 1.14 -14.93 21.51
C GLN A 369 -0.10 -14.60 22.32
N HIS A 370 -1.15 -14.08 21.67
CA HIS A 370 -2.31 -13.54 22.41
C HIS A 370 -3.63 -13.87 21.75
N GLY A 371 -3.63 -14.88 20.88
CA GLY A 371 -4.82 -15.27 20.17
C GLY A 371 -5.41 -14.15 19.36
N GLY A 372 -4.56 -13.19 18.99
CA GLY A 372 -4.95 -12.03 18.19
C GLY A 372 -5.22 -12.51 16.78
N SER A 373 -5.90 -11.71 15.96
CA SER A 373 -6.26 -12.20 14.65
C SER A 373 -4.98 -12.29 13.78
N PHE A 374 -4.82 -13.47 13.17
CA PHE A 374 -3.66 -13.83 12.33
C PHE A 374 -4.20 -14.54 11.08
N GLU A 375 -4.48 -13.73 10.07
CA GLU A 375 -5.35 -14.11 8.95
C GLU A 375 -4.53 -14.83 7.88
N PRO A 376 -5.04 -15.96 7.35
CA PRO A 376 -4.33 -16.69 6.31
C PRO A 376 -3.88 -15.83 5.14
N GLY A 377 -2.58 -15.82 4.91
CA GLY A 377 -2.03 -15.21 3.71
C GLY A 377 -1.76 -13.74 3.84
N ASN A 378 -1.94 -13.20 5.05
CA ASN A 378 -1.77 -11.76 5.30
C ASN A 378 -0.34 -11.29 4.94
N PRO A 379 -0.21 -10.50 3.86
CA PRO A 379 1.12 -10.08 3.32
C PRO A 379 2.00 -9.36 4.36
N ALA A 380 1.38 -8.62 5.25
CA ALA A 380 2.10 -8.02 6.37
C ALA A 380 2.76 -9.05 7.29
N PHE A 381 2.34 -10.32 7.26
CA PHE A 381 2.84 -11.33 8.20
C PHE A 381 3.55 -12.48 7.47
N ALA A 382 3.76 -12.28 6.17
CA ALA A 382 4.49 -13.25 5.39
C ALA A 382 5.94 -13.30 5.89
N PHE A 383 6.59 -14.46 5.78
CA PHE A 383 8.04 -14.56 6.08
C PHE A 383 8.79 -13.62 5.17
N GLY A 384 10.04 -13.33 5.55
CA GLY A 384 10.95 -12.57 4.71
C GLY A 384 11.35 -11.21 5.24
N LEU A 385 12.45 -10.67 4.69
CA LEU A 385 12.90 -9.34 5.02
C LEU A 385 11.99 -8.30 4.37
N PRO A 386 11.73 -7.17 5.07
CA PRO A 386 10.99 -6.09 4.40
C PRO A 386 11.77 -5.48 3.25
N LYS A 387 11.08 -5.17 2.16
CA LYS A 387 11.65 -4.46 1.03
C LYS A 387 12.28 -3.18 1.56
N VAL A 388 13.54 -2.98 1.19
CA VAL A 388 14.27 -1.80 1.58
C VAL A 388 14.74 -1.10 0.32
N ASP A 389 15.19 -1.89 -0.66
CA ASP A 389 15.56 -1.37 -2.00
C ASP A 389 14.34 -1.11 -2.87
N GLU A 390 14.55 -0.36 -3.96
CA GLU A 390 13.64 -0.34 -5.10
C GLU A 390 13.46 -1.77 -5.64
N PRO A 391 12.24 -2.15 -6.11
CA PRO A 391 12.06 -3.48 -6.76
C PRO A 391 12.77 -3.58 -8.12
N SER A 392 13.36 -4.75 -8.40
CA SER A 392 13.99 -5.01 -9.72
C SER A 392 13.27 -6.07 -10.57
N VAL A 393 13.63 -6.19 -11.85
CA VAL A 393 12.96 -7.11 -12.78
C VAL A 393 13.41 -8.58 -12.65
N VAL A 394 12.43 -9.47 -12.41
CA VAL A 394 12.71 -10.79 -11.80
C VAL A 394 13.86 -11.57 -12.43
N SER B 2 -39.92 16.16 26.61
CA SER B 2 -38.79 17.09 26.86
C SER B 2 -37.60 16.98 25.88
N PRO B 3 -37.84 16.74 24.57
CA PRO B 3 -36.71 16.71 23.62
C PRO B 3 -35.92 18.04 23.55
N THR B 4 -34.69 17.99 23.06
CA THR B 4 -33.83 19.17 22.93
C THR B 4 -34.37 20.16 21.88
N THR B 5 -34.16 21.46 22.12
CA THR B 5 -34.52 22.49 21.15
C THR B 5 -33.35 22.85 20.22
N ASP B 6 -32.21 22.22 20.45
CA ASP B 6 -31.04 22.41 19.61
C ASP B 6 -31.31 21.97 18.18
N ARG B 7 -30.53 22.54 17.27
CA ARG B 7 -30.55 22.23 15.86
C ARG B 7 -29.55 21.11 15.60
N ILE B 8 -30.00 20.08 14.88
CA ILE B 8 -29.14 18.95 14.53
C ILE B 8 -29.11 18.79 13.00
N ALA B 9 -27.93 18.45 12.49
CA ALA B 9 -27.73 18.18 11.08
C ALA B 9 -27.23 16.77 10.89
N VAL B 10 -27.78 16.07 9.91
CA VAL B 10 -27.31 14.74 9.55
C VAL B 10 -26.62 14.79 8.19
N VAL B 11 -25.33 14.50 8.17
CA VAL B 11 -24.60 14.39 6.92
C VAL B 11 -24.64 12.94 6.39
N GLY B 12 -25.22 12.77 5.21
CA GLY B 12 -25.45 11.45 4.62
C GLY B 12 -26.88 11.04 4.85
N GLY B 13 -27.58 10.72 3.78
CA GLY B 13 -29.01 10.45 3.85
C GLY B 13 -29.40 9.10 3.33
N SER B 14 -28.74 8.07 3.86
CA SER B 14 -29.06 6.68 3.57
C SER B 14 -29.68 6.05 4.84
N ILE B 15 -29.42 4.78 5.13
CA ILE B 15 -30.08 4.10 6.23
C ILE B 15 -29.83 4.79 7.57
N SER B 16 -28.56 5.07 7.87
CA SER B 16 -28.18 5.76 9.11
C SER B 16 -28.91 7.07 9.25
N GLY B 17 -28.61 7.98 8.32
CA GLY B 17 -29.08 9.35 8.35
C GLY B 17 -30.59 9.47 8.40
N LEU B 18 -31.25 8.69 7.55
CA LEU B 18 -32.70 8.70 7.48
C LEU B 18 -33.30 8.26 8.81
N THR B 19 -32.87 7.09 9.30
CA THR B 19 -33.36 6.55 10.54
C THR B 19 -33.20 7.61 11.63
N ALA B 20 -32.03 8.25 11.67
CA ALA B 20 -31.74 9.25 12.69
C ALA B 20 -32.68 10.44 12.57
N ALA B 21 -32.73 11.00 11.36
CA ALA B 21 -33.57 12.17 11.09
C ALA B 21 -35.03 11.89 11.40
N LEU B 22 -35.53 10.75 10.94
CA LEU B 22 -36.94 10.38 11.12
C LEU B 22 -37.36 10.35 12.58
N MET B 23 -36.52 9.71 13.41
CA MET B 23 -36.82 9.59 14.83
C MET B 23 -36.66 10.91 15.56
N LEU B 24 -35.72 11.72 15.10
CA LEU B 24 -35.52 13.05 15.66
C LEU B 24 -36.75 13.91 15.40
N ARG B 25 -37.23 13.90 14.16
CA ARG B 25 -38.39 14.68 13.76
C ARG B 25 -39.66 14.21 14.49
N ASP B 26 -39.81 12.90 14.63
CA ASP B 26 -40.94 12.30 15.34
C ASP B 26 -41.02 12.82 16.75
N ALA B 27 -39.86 13.14 17.32
CA ALA B 27 -39.79 13.67 18.68
C ALA B 27 -39.82 15.20 18.70
N GLY B 28 -39.98 15.83 17.53
CA GLY B 28 -40.07 17.29 17.43
C GLY B 28 -38.72 18.01 17.48
N VAL B 29 -37.64 17.28 17.23
CA VAL B 29 -36.32 17.89 17.13
C VAL B 29 -36.15 18.52 15.74
N ASP B 30 -35.56 19.70 15.72
CA ASP B 30 -35.27 20.40 14.48
C ASP B 30 -34.08 19.74 13.79
N VAL B 31 -34.34 19.10 12.66
CA VAL B 31 -33.29 18.33 11.95
C VAL B 31 -33.33 18.52 10.42
N ASP B 32 -32.14 18.67 9.82
CA ASP B 32 -32.01 18.65 8.35
C ASP B 32 -31.07 17.52 7.95
N VAL B 33 -31.25 16.98 6.74
CA VAL B 33 -30.33 15.99 6.19
C VAL B 33 -29.62 16.54 4.97
N TYR B 34 -28.30 16.38 4.91
CA TYR B 34 -27.50 16.84 3.79
C TYR B 34 -26.90 15.63 3.09
N GLU B 35 -27.34 15.41 1.84
CA GLU B 35 -26.93 14.23 1.09
C GLU B 35 -26.22 14.66 -0.18
N ARG B 36 -25.08 14.05 -0.44
CA ARG B 36 -24.21 14.44 -1.53
C ARG B 36 -24.79 14.17 -2.92
N SER B 37 -25.59 13.12 -3.02
CA SER B 37 -26.17 12.66 -4.29
C SER B 37 -27.21 13.66 -4.79
N PRO B 38 -27.20 13.95 -6.11
CA PRO B 38 -28.02 15.03 -6.66
C PRO B 38 -29.51 14.72 -6.64
N GLN B 39 -29.84 13.43 -6.69
CA GLN B 39 -31.22 12.98 -6.52
C GLN B 39 -31.30 11.80 -5.50
N PRO B 40 -32.53 11.43 -5.04
CA PRO B 40 -32.61 10.30 -4.08
C PRO B 40 -31.97 8.98 -4.59
N LEU B 41 -31.64 8.11 -3.65
CA LEU B 41 -30.70 7.02 -3.89
C LEU B 41 -31.20 5.71 -4.54
N SER B 42 -30.24 4.90 -4.98
CA SER B 42 -30.48 3.59 -5.56
C SER B 42 -29.47 2.60 -4.99
N GLY B 43 -30.00 1.45 -4.54
CA GLY B 43 -29.17 0.24 -4.35
C GLY B 43 -29.01 -0.25 -5.76
N PHE B 44 -28.06 -1.15 -5.99
CA PHE B 44 -27.88 -1.54 -7.41
C PHE B 44 -28.63 -2.81 -7.80
N GLY B 45 -29.77 -2.97 -7.11
CA GLY B 45 -30.58 -4.19 -7.03
C GLY B 45 -30.26 -5.01 -5.77
N THR B 46 -29.05 -4.87 -5.26
CA THR B 46 -28.49 -5.84 -4.35
C THR B 46 -29.26 -6.10 -3.05
N GLY B 47 -29.15 -7.32 -2.55
CA GLY B 47 -29.95 -7.80 -1.46
C GLY B 47 -29.35 -7.55 -0.10
N ILE B 48 -30.22 -7.70 0.90
CA ILE B 48 -29.94 -7.45 2.30
C ILE B 48 -30.77 -8.41 3.13
N VAL B 49 -30.09 -9.09 4.06
CA VAL B 49 -30.76 -9.98 5.00
C VAL B 49 -31.39 -9.13 6.08
N VAL B 50 -32.68 -9.32 6.28
CA VAL B 50 -33.39 -8.59 7.31
C VAL B 50 -33.08 -9.04 8.74
N GLN B 51 -32.76 -8.07 9.60
CA GLN B 51 -32.61 -8.23 11.06
C GLN B 51 -33.61 -7.33 11.77
N PRO B 52 -34.12 -7.76 12.95
CA PRO B 52 -35.08 -6.91 13.66
C PRO B 52 -34.69 -5.43 13.63
N GLU B 53 -33.41 -5.14 13.92
CA GLU B 53 -32.92 -3.78 14.04
C GLU B 53 -33.06 -2.97 12.75
N LEU B 54 -32.87 -3.64 11.62
CA LEU B 54 -32.96 -2.99 10.33
C LEU B 54 -34.37 -2.46 10.04
N VAL B 55 -35.38 -3.31 10.26
CA VAL B 55 -36.74 -2.97 9.89
C VAL B 55 -37.58 -2.44 11.05
N HIS B 56 -36.96 -2.24 12.21
CA HIS B 56 -37.73 -1.85 13.40
C HIS B 56 -38.50 -0.57 13.18
N TYR B 57 -37.87 0.43 12.56
CA TYR B 57 -38.56 1.70 12.42
C TYR B 57 -39.80 1.60 11.50
N LEU B 58 -39.59 1.06 10.31
CA LEU B 58 -40.68 0.91 9.34
C LEU B 58 -41.84 0.10 9.88
N LEU B 59 -41.55 -0.94 10.67
CA LEU B 59 -42.60 -1.73 11.29
C LEU B 59 -43.42 -0.89 12.25
N GLU B 60 -42.72 -0.10 13.08
CA GLU B 60 -43.38 0.85 14.02
C GLU B 60 -44.32 1.80 13.29
N GLN B 61 -44.07 2.01 11.99
CA GLN B 61 -44.86 2.96 11.19
C GLN B 61 -45.94 2.25 10.38
N GLY B 62 -46.14 0.97 10.63
CA GLY B 62 -47.24 0.22 10.03
C GLY B 62 -46.93 -0.59 8.77
N VAL B 63 -45.70 -0.47 8.25
CA VAL B 63 -45.29 -1.23 7.08
C VAL B 63 -45.36 -2.73 7.36
N GLU B 64 -46.11 -3.48 6.54
CA GLU B 64 -46.12 -4.95 6.66
C GLU B 64 -44.76 -5.47 6.21
N LEU B 65 -44.20 -6.39 6.99
CA LEU B 65 -42.95 -7.02 6.65
C LEU B 65 -43.02 -7.80 5.35
N ASP B 66 -44.07 -8.62 5.19
CA ASP B 66 -44.22 -9.53 4.04
C ASP B 66 -44.25 -8.76 2.73
N SER B 67 -44.41 -7.45 2.82
CA SER B 67 -44.53 -6.62 1.64
C SER B 67 -43.17 -6.13 1.19
N ILE B 68 -42.19 -6.13 2.08
CA ILE B 68 -40.87 -5.62 1.73
C ILE B 68 -39.77 -6.67 1.81
N SER B 69 -40.17 -7.93 1.94
CA SER B 69 -39.22 -9.02 2.12
C SER B 69 -39.81 -10.30 1.58
N VAL B 70 -38.94 -11.27 1.32
CA VAL B 70 -39.31 -12.57 0.76
C VAL B 70 -38.81 -13.62 1.78
N PRO B 71 -39.54 -14.74 1.95
CA PRO B 71 -39.13 -15.66 3.03
C PRO B 71 -38.07 -16.69 2.63
N SER B 72 -37.71 -17.55 3.57
CA SER B 72 -36.85 -18.70 3.28
C SER B 72 -37.15 -19.87 4.23
N SER B 73 -36.75 -21.06 3.81
CA SER B 73 -36.99 -22.27 4.60
C SER B 73 -35.70 -22.86 5.16
N SER B 74 -34.61 -22.75 4.42
CA SER B 74 -33.39 -23.39 4.86
C SER B 74 -32.14 -22.58 4.65
N MET B 75 -31.05 -23.06 5.25
CA MET B 75 -29.74 -22.55 4.92
C MET B 75 -28.89 -23.67 4.36
N GLU B 76 -28.35 -23.49 3.17
CA GLU B 76 -27.67 -24.56 2.46
C GLU B 76 -26.17 -24.32 2.39
N TYR B 77 -25.40 -25.40 2.45
CA TYR B 77 -23.95 -25.35 2.37
C TYR B 77 -23.49 -26.34 1.32
N VAL B 78 -22.82 -25.84 0.29
CA VAL B 78 -22.55 -26.63 -0.89
C VAL B 78 -21.13 -26.43 -1.34
N ASP B 79 -20.45 -27.52 -1.69
CA ASP B 79 -19.15 -27.39 -2.33
C ASP B 79 -19.42 -26.76 -3.72
N ALA B 80 -18.98 -25.52 -3.93
CA ALA B 80 -19.32 -24.82 -5.17
C ALA B 80 -18.54 -25.28 -6.40
N LEU B 81 -17.64 -26.24 -6.23
CA LEU B 81 -16.95 -26.81 -7.37
C LEU B 81 -17.62 -28.12 -7.73
N THR B 82 -17.88 -28.98 -6.76
CA THR B 82 -18.34 -30.34 -7.08
C THR B 82 -19.83 -30.53 -6.93
N GLY B 83 -20.50 -29.63 -6.22
CA GLY B 83 -21.95 -29.75 -6.02
C GLY B 83 -22.29 -30.60 -4.81
N GLU B 84 -21.28 -31.17 -4.15
CA GLU B 84 -21.53 -31.95 -2.95
C GLU B 84 -22.25 -31.06 -1.95
N ARG B 85 -23.32 -31.58 -1.37
CA ARG B 85 -24.03 -30.86 -0.33
C ARG B 85 -23.41 -31.19 0.99
N VAL B 86 -22.78 -30.20 1.56
CA VAL B 86 -21.99 -30.36 2.77
C VAL B 86 -22.80 -30.05 4.01
N GLY B 87 -23.95 -29.40 3.85
CA GLY B 87 -24.82 -29.14 4.98
C GLY B 87 -26.14 -28.49 4.66
N SER B 88 -27.06 -28.58 5.62
CA SER B 88 -28.44 -28.11 5.43
C SER B 88 -29.13 -27.91 6.76
N VAL B 89 -29.61 -26.70 7.02
CA VAL B 89 -30.19 -26.35 8.32
C VAL B 89 -31.49 -25.57 8.15
N PRO B 90 -32.56 -25.93 8.88
CA PRO B 90 -33.78 -25.13 8.81
C PRO B 90 -33.52 -23.71 9.29
N ALA B 91 -34.11 -22.74 8.63
CA ALA B 91 -33.92 -21.34 8.98
C ALA B 91 -35.11 -20.58 8.48
N ASP B 92 -35.29 -19.34 8.92
CA ASP B 92 -36.42 -18.53 8.47
C ASP B 92 -36.05 -17.11 8.13
N TRP B 93 -34.79 -16.89 7.78
CA TRP B 93 -34.32 -15.57 7.38
C TRP B 93 -35.24 -14.96 6.31
N ARG B 94 -35.56 -13.69 6.46
CA ARG B 94 -36.27 -12.99 5.40
C ARG B 94 -35.29 -12.08 4.68
N PHE B 95 -35.47 -11.92 3.37
CA PHE B 95 -34.53 -11.11 2.61
C PHE B 95 -35.20 -9.94 1.96
N THR B 96 -34.60 -8.78 2.11
CA THR B 96 -35.09 -7.55 1.50
C THR B 96 -34.07 -6.95 0.51
N SER B 97 -34.28 -5.71 0.09
CA SER B 97 -33.30 -5.03 -0.77
C SER B 97 -32.96 -3.68 -0.20
N TYR B 98 -31.76 -3.23 -0.51
CA TYR B 98 -31.39 -1.86 -0.22
C TYR B 98 -32.48 -0.87 -0.66
N ASP B 99 -32.91 -0.95 -1.93
CA ASP B 99 -33.96 -0.05 -2.43
C ASP B 99 -35.26 -0.13 -1.61
N SER B 100 -35.59 -1.32 -1.11
CA SER B 100 -36.81 -1.48 -0.33
C SER B 100 -36.72 -0.71 0.98
N ILE B 101 -35.57 -0.81 1.64
CA ILE B 101 -35.34 -0.12 2.88
C ILE B 101 -35.18 1.39 2.66
N TYR B 102 -34.25 1.78 1.81
CA TYR B 102 -34.07 3.21 1.53
C TYR B 102 -35.39 3.88 1.10
N GLY B 103 -36.07 3.27 0.13
CA GLY B 103 -37.35 3.76 -0.37
C GLY B 103 -38.37 3.94 0.74
N GLY B 104 -38.56 2.90 1.55
CA GLY B 104 -39.46 2.98 2.67
C GLY B 104 -39.14 4.18 3.55
N LEU B 105 -37.86 4.31 3.92
CA LEU B 105 -37.40 5.35 4.82
C LEU B 105 -37.51 6.73 4.20
N TYR B 106 -37.09 6.84 2.93
CA TYR B 106 -37.14 8.11 2.25
C TYR B 106 -38.57 8.57 2.04
N GLU B 107 -39.44 7.65 1.66
CA GLU B 107 -40.84 7.96 1.48
C GLU B 107 -41.40 8.56 2.77
N LEU B 108 -41.02 7.99 3.90
CA LEU B 108 -41.49 8.52 5.17
C LEU B 108 -40.89 9.87 5.52
N PHE B 109 -39.64 10.11 5.14
CA PHE B 109 -39.01 11.38 5.51
C PHE B 109 -39.49 12.54 4.65
N GLY B 110 -39.60 12.32 3.35
CA GLY B 110 -40.04 13.37 2.44
C GLY B 110 -38.89 14.26 1.98
N PRO B 111 -39.07 14.95 0.84
CA PRO B 111 -38.01 15.75 0.22
C PRO B 111 -37.76 17.11 0.90
N GLU B 112 -38.72 17.58 1.68
CA GLU B 112 -38.65 18.88 2.36
C GLU B 112 -37.30 19.21 3.00
N ARG B 113 -36.84 18.38 3.89
CA ARG B 113 -35.61 18.66 4.62
C ARG B 113 -34.48 17.70 4.31
N TYR B 114 -34.61 17.07 3.15
CA TYR B 114 -33.61 16.19 2.60
C TYR B 114 -32.91 16.98 1.52
N HIS B 115 -31.71 17.46 1.79
CA HIS B 115 -31.04 18.37 0.87
C HIS B 115 -30.04 17.65 -0.04
N THR B 116 -30.44 17.46 -1.29
CA THR B 116 -29.58 16.79 -2.27
C THR B 116 -28.54 17.76 -2.83
N SER B 117 -27.49 17.21 -3.44
CA SER B 117 -26.34 17.98 -3.93
C SER B 117 -25.59 18.71 -2.82
N LYS B 118 -25.74 18.26 -1.59
CA LYS B 118 -25.00 18.85 -0.51
C LYS B 118 -23.93 17.87 -0.07
N CYS B 119 -22.75 18.05 -0.65
CA CYS B 119 -21.64 17.18 -0.34
C CYS B 119 -20.67 17.84 0.63
N LEU B 120 -20.63 17.31 1.86
CA LEU B 120 -19.75 17.84 2.90
C LEU B 120 -18.32 17.68 2.47
N VAL B 121 -17.54 18.74 2.68
CA VAL B 121 -16.20 18.77 2.16
C VAL B 121 -15.27 19.43 3.19
N GLY B 122 -15.89 20.12 4.15
CA GLY B 122 -15.16 20.80 5.20
C GLY B 122 -15.94 20.82 6.49
N LEU B 123 -15.20 20.88 7.60
CA LEU B 123 -15.79 20.81 8.93
C LEU B 123 -15.01 21.61 9.97
N SER B 124 -15.73 22.32 10.83
CA SER B 124 -15.14 22.96 12.00
C SER B 124 -16.19 23.18 13.10
N GLN B 125 -15.75 23.23 14.35
CA GLN B 125 -16.66 23.39 15.47
C GLN B 125 -16.05 24.23 16.57
N ASP B 126 -16.88 25.02 17.24
CA ASP B 126 -16.49 25.62 18.52
C ASP B 126 -17.27 24.96 19.67
N SER B 127 -17.41 25.64 20.79
CA SER B 127 -18.12 25.02 21.92
C SER B 127 -19.65 25.17 21.82
N GLU B 128 -20.13 25.93 20.82
CA GLU B 128 -21.57 26.15 20.60
C GLU B 128 -22.12 25.44 19.35
N THR B 129 -21.48 25.68 18.22
CA THR B 129 -22.00 25.23 16.94
C THR B 129 -21.00 24.40 16.16
N VAL B 130 -21.50 23.69 15.17
CA VAL B 130 -20.68 23.08 14.14
C VAL B 130 -20.91 23.80 12.81
N GLN B 131 -19.82 24.00 12.08
CA GLN B 131 -19.87 24.60 10.77
C GLN B 131 -19.63 23.52 9.71
N MET B 132 -20.51 23.47 8.70
CA MET B 132 -20.40 22.52 7.60
C MET B 132 -20.17 23.28 6.33
N ARG B 133 -19.22 22.82 5.52
CA ARG B 133 -18.98 23.43 4.20
C ARG B 133 -19.16 22.42 3.08
N PHE B 134 -19.92 22.82 2.07
CA PHE B 134 -20.30 21.90 1.00
C PHE B 134 -19.54 22.18 -0.29
N SER B 135 -19.51 21.17 -1.17
CA SER B 135 -18.75 21.24 -2.41
C SER B 135 -19.26 22.33 -3.35
N ASP B 136 -20.51 22.75 -3.14
CA ASP B 136 -21.14 23.81 -3.95
C ASP B 136 -20.86 25.21 -3.43
N GLY B 137 -19.99 25.31 -2.44
CA GLY B 137 -19.60 26.59 -1.87
C GLY B 137 -20.51 27.14 -0.79
N THR B 138 -21.54 26.39 -0.42
CA THR B 138 -22.45 26.83 0.64
C THR B 138 -22.04 26.35 2.03
N LYS B 139 -22.69 26.92 3.03
CA LYS B 139 -22.51 26.55 4.43
C LYS B 139 -23.81 26.15 5.09
N ALA B 140 -23.69 25.45 6.22
CA ALA B 140 -24.80 25.29 7.14
C ALA B 140 -24.26 25.21 8.57
N GLU B 141 -25.15 25.43 9.53
CA GLU B 141 -24.80 25.41 10.94
C GLU B 141 -25.72 24.49 11.73
N ALA B 142 -25.18 23.91 12.78
CA ALA B 142 -25.99 23.16 13.73
C ALA B 142 -25.31 23.13 15.10
N ASN B 143 -26.08 22.76 16.10
CA ASN B 143 -25.51 22.51 17.39
C ASN B 143 -24.89 21.11 17.45
N TRP B 144 -25.44 20.20 16.65
CA TRP B 144 -24.93 18.84 16.60
C TRP B 144 -24.92 18.37 15.17
N VAL B 145 -23.86 17.67 14.78
CA VAL B 145 -23.74 17.08 13.45
C VAL B 145 -23.57 15.58 13.52
N ILE B 146 -24.52 14.85 12.94
CA ILE B 146 -24.43 13.41 12.88
C ILE B 146 -23.77 12.96 11.58
N GLY B 147 -22.65 12.25 11.71
CA GLY B 147 -21.90 11.74 10.57
C GLY B 147 -22.50 10.41 10.18
N ALA B 148 -23.35 10.43 9.16
CA ALA B 148 -24.01 9.24 8.69
C ALA B 148 -23.66 9.08 7.21
N ASP B 149 -22.39 9.35 6.90
CA ASP B 149 -21.94 9.39 5.51
C ASP B 149 -21.14 8.16 5.03
N GLY B 150 -21.29 7.06 5.77
CA GLY B 150 -20.91 5.76 5.23
C GLY B 150 -19.44 5.41 5.33
N GLY B 151 -19.07 4.31 4.65
CA GLY B 151 -17.72 3.74 4.72
C GLY B 151 -16.57 4.65 4.34
N ALA B 152 -16.78 5.56 3.40
CA ALA B 152 -15.73 6.51 3.02
C ALA B 152 -16.02 7.85 3.67
N SER B 153 -16.63 7.81 4.86
CA SER B 153 -17.08 9.01 5.54
C SER B 153 -16.06 10.14 5.46
N VAL B 154 -16.49 11.27 4.96
CA VAL B 154 -15.62 12.43 4.93
C VAL B 154 -15.57 13.01 6.33
N VAL B 155 -16.67 12.91 7.06
CA VAL B 155 -16.69 13.38 8.44
C VAL B 155 -15.56 12.69 9.19
N ARG B 156 -15.49 11.36 9.09
CA ARG B 156 -14.48 10.59 9.83
C ARG B 156 -13.09 10.94 9.32
N LYS B 157 -12.93 11.00 7.99
CA LYS B 157 -11.65 11.34 7.41
C LYS B 157 -11.11 12.69 7.92
N ARG B 158 -11.97 13.70 8.01
CA ARG B 158 -11.56 15.04 8.43
C ARG B 158 -11.20 15.11 9.91
N LEU B 159 -11.91 14.34 10.72
CA LEU B 159 -11.76 14.38 12.16
C LEU B 159 -10.59 13.53 12.64
N LEU B 160 -10.37 12.39 11.99
CA LEU B 160 -9.50 11.37 12.53
C LEU B 160 -8.46 10.85 11.56
N GLY B 161 -8.54 11.26 10.31
CA GLY B 161 -7.62 10.79 9.29
C GLY B 161 -7.85 9.33 8.93
N ILE B 162 -8.97 8.76 9.35
CA ILE B 162 -9.29 7.35 9.09
C ILE B 162 -10.14 7.13 7.84
N GLU B 163 -9.65 6.27 6.93
CA GLU B 163 -10.41 5.80 5.75
C GLU B 163 -10.46 4.28 5.80
N PRO B 164 -11.23 3.63 4.93
CA PRO B 164 -11.26 2.16 5.05
C PRO B 164 -9.93 1.52 4.57
N THR B 165 -9.64 0.34 5.09
CA THR B 165 -8.43 -0.41 4.78
C THR B 165 -8.84 -1.66 4.01
N TYR B 166 -8.23 -1.87 2.85
CA TYR B 166 -8.51 -3.03 2.02
C TYR B 166 -8.35 -4.34 2.81
N ALA B 167 -9.25 -5.30 2.59
CA ALA B 167 -9.25 -6.53 3.38
C ALA B 167 -8.61 -7.71 2.64
N GLY B 168 -8.13 -7.48 1.42
CA GLY B 168 -7.49 -8.54 0.68
C GLY B 168 -8.43 -9.25 -0.28
N TYR B 169 -9.72 -8.87 -0.30
CA TYR B 169 -10.70 -9.47 -1.21
C TYR B 169 -11.80 -8.50 -1.67
N VAL B 170 -12.46 -8.86 -2.77
CA VAL B 170 -13.53 -8.04 -3.35
C VAL B 170 -14.76 -8.90 -3.43
N THR B 171 -15.90 -8.33 -3.77
CA THR B 171 -17.10 -9.11 -4.00
C THR B 171 -17.74 -8.73 -5.36
N TRP B 172 -18.05 -9.74 -6.17
CA TRP B 172 -18.84 -9.52 -7.37
C TRP B 172 -20.30 -9.61 -6.94
N ARG B 173 -21.13 -8.76 -7.51
CA ARG B 173 -22.51 -8.68 -7.08
C ARG B 173 -23.43 -8.77 -8.25
N GLY B 174 -24.35 -9.72 -8.23
CA GLY B 174 -25.28 -9.85 -9.35
C GLY B 174 -26.68 -10.09 -8.88
N VAL B 175 -27.64 -9.72 -9.74
CA VAL B 175 -29.05 -9.95 -9.49
C VAL B 175 -29.66 -10.65 -10.70
N LEU B 176 -30.36 -11.75 -10.49
CA LEU B 176 -31.06 -12.42 -11.61
C LEU B 176 -32.58 -12.26 -11.58
N GLN B 177 -33.19 -12.18 -12.74
CA GLN B 177 -34.62 -12.03 -12.87
C GLN B 177 -35.17 -13.31 -13.46
N PRO B 178 -36.43 -13.64 -13.13
CA PRO B 178 -36.98 -14.87 -13.70
C PRO B 178 -36.77 -14.98 -15.23
N GLY B 179 -36.29 -16.13 -15.68
CA GLY B 179 -36.13 -16.42 -17.12
C GLY B 179 -34.67 -16.28 -17.55
N GLU B 180 -33.88 -15.59 -16.74
CA GLU B 180 -32.48 -15.36 -17.02
C GLU B 180 -31.66 -16.62 -16.79
N VAL B 181 -32.22 -17.55 -16.01
CA VAL B 181 -31.63 -18.89 -15.87
C VAL B 181 -32.69 -19.95 -16.01
N ALA B 182 -32.27 -21.20 -16.18
CA ALA B 182 -33.23 -22.31 -16.32
C ALA B 182 -34.02 -22.51 -15.03
N ASP B 183 -35.28 -22.87 -15.18
CA ASP B 183 -36.14 -23.11 -14.04
C ASP B 183 -35.49 -23.92 -12.95
N ASP B 184 -34.79 -24.98 -13.33
CA ASP B 184 -34.26 -25.89 -12.32
C ASP B 184 -33.10 -25.26 -11.51
N VAL B 185 -32.37 -24.34 -12.14
CA VAL B 185 -31.37 -23.54 -11.44
C VAL B 185 -32.05 -22.56 -10.48
N TRP B 186 -33.13 -21.92 -10.94
CA TRP B 186 -33.87 -20.97 -10.12
C TRP B 186 -34.32 -21.64 -8.79
N ASN B 187 -34.97 -22.79 -8.90
CA ASN B 187 -35.49 -23.43 -7.72
C ASN B 187 -34.40 -23.97 -6.84
N TYR B 188 -33.26 -24.23 -7.45
CA TYR B 188 -32.14 -24.70 -6.69
C TYR B 188 -31.80 -23.67 -5.62
N PHE B 189 -31.97 -22.38 -5.94
CA PHE B 189 -31.56 -21.27 -5.07
C PHE B 189 -32.72 -20.65 -4.31
N ASN B 190 -33.93 -20.99 -4.69
CA ASN B 190 -35.06 -20.24 -4.21
C ASN B 190 -35.45 -20.66 -2.81
N ASP B 191 -35.96 -19.71 -2.02
CA ASP B 191 -36.54 -19.97 -0.69
C ASP B 191 -35.49 -20.45 0.30
N LYS B 192 -34.23 -20.07 0.03
CA LYS B 192 -33.02 -20.55 0.69
C LYS B 192 -31.91 -19.51 0.70
N PHE B 193 -31.01 -19.63 1.67
CA PHE B 193 -29.73 -18.98 1.62
C PHE B 193 -28.72 -20.09 1.39
N THR B 194 -27.89 -19.95 0.34
CA THR B 194 -26.92 -20.96 -0.04
C THR B 194 -25.51 -20.40 0.01
N TYR B 195 -24.64 -21.06 0.76
CA TYR B 195 -23.22 -20.81 0.69
C TYR B 195 -22.65 -21.74 -0.38
N GLY B 196 -21.92 -21.14 -1.34
CA GLY B 196 -21.11 -21.89 -2.29
C GLY B 196 -19.67 -21.87 -1.82
N LEU B 197 -19.23 -22.94 -1.16
CA LEU B 197 -17.91 -22.92 -0.55
C LEU B 197 -16.81 -23.37 -1.52
N LEU B 198 -15.66 -22.69 -1.46
CA LEU B 198 -14.51 -23.11 -2.23
C LEU B 198 -13.30 -23.10 -1.32
N ASP B 199 -12.18 -23.62 -1.81
CA ASP B 199 -10.93 -23.56 -1.10
C ASP B 199 -10.45 -22.12 -0.91
N ASP B 200 -10.79 -21.21 -1.82
CA ASP B 200 -10.13 -19.91 -1.89
C ASP B 200 -11.14 -18.76 -2.11
N GLY B 201 -12.33 -18.90 -1.54
CA GLY B 201 -13.37 -17.92 -1.75
C GLY B 201 -14.72 -18.57 -1.55
N HIS B 202 -15.78 -17.78 -1.66
CA HIS B 202 -17.10 -18.34 -1.57
C HIS B 202 -18.12 -17.51 -2.31
N LEU B 203 -19.27 -18.14 -2.53
CA LEU B 203 -20.44 -17.50 -3.07
C LEU B 203 -21.58 -17.52 -2.05
N ILE B 204 -22.46 -16.54 -2.17
CA ILE B 204 -23.73 -16.59 -1.43
C ILE B 204 -24.82 -16.29 -2.42
N ALA B 205 -25.97 -16.90 -2.20
CA ALA B 205 -27.15 -16.63 -3.03
C ALA B 205 -28.41 -16.71 -2.20
N TYR B 206 -29.34 -15.86 -2.52
CA TYR B 206 -30.63 -15.90 -1.87
C TYR B 206 -31.62 -15.03 -2.63
N PRO B 207 -32.94 -15.30 -2.47
CA PRO B 207 -33.92 -14.55 -3.24
C PRO B 207 -34.16 -13.19 -2.60
N ILE B 208 -34.53 -12.22 -3.40
CA ILE B 208 -34.83 -10.87 -2.93
C ILE B 208 -36.14 -10.40 -3.56
N PRO B 209 -36.76 -9.33 -3.04
CA PRO B 209 -37.97 -8.80 -3.66
C PRO B 209 -37.72 -8.25 -5.05
N GLY B 210 -38.79 -8.24 -5.84
CA GLY B 210 -38.80 -7.58 -7.12
C GLY B 210 -38.27 -6.17 -6.99
N ARG B 211 -37.60 -5.69 -8.05
CA ARG B 211 -37.10 -4.31 -8.17
C ARG B 211 -38.22 -3.35 -7.80
N GLU B 212 -39.45 -3.76 -8.07
CA GLU B 212 -40.64 -2.93 -7.89
C GLU B 212 -41.79 -3.76 -7.31
N ASN B 213 -42.54 -3.16 -6.39
CA ASN B 213 -43.61 -3.85 -5.59
C ASN B 213 -44.41 -5.01 -6.23
N ALA B 214 -44.91 -4.81 -7.46
CA ALA B 214 -45.72 -5.86 -8.10
C ALA B 214 -44.93 -6.68 -9.15
N GLU B 215 -43.64 -6.92 -8.86
CA GLU B 215 -42.77 -7.71 -9.74
C GLU B 215 -42.31 -9.00 -9.02
N SER B 216 -41.96 -10.01 -9.81
CA SER B 216 -41.57 -11.31 -9.27
C SER B 216 -40.28 -11.20 -8.49
N PRO B 217 -40.10 -12.06 -7.46
CA PRO B 217 -38.84 -12.08 -6.69
C PRO B 217 -37.65 -12.30 -7.61
N ARG B 218 -36.46 -11.89 -7.18
CA ARG B 218 -35.25 -12.06 -7.97
C ARG B 218 -34.26 -12.93 -7.18
N LEU B 219 -33.17 -13.37 -7.82
CA LEU B 219 -32.06 -13.98 -7.08
C LEU B 219 -30.87 -13.05 -6.98
N ASN B 220 -30.34 -12.98 -5.77
CA ASN B 220 -29.26 -12.10 -5.48
C ASN B 220 -28.06 -12.99 -5.25
N PHE B 221 -26.91 -12.64 -5.78
CA PHE B 221 -25.71 -13.40 -5.41
C PHE B 221 -24.48 -12.53 -5.32
N GLN B 222 -23.54 -13.04 -4.55
CA GLN B 222 -22.20 -12.45 -4.46
C GLN B 222 -21.15 -13.52 -4.64
N TRP B 223 -20.04 -13.14 -5.26
CA TRP B 223 -18.90 -14.03 -5.34
C TRP B 223 -17.67 -13.29 -4.82
N TYR B 224 -17.16 -13.69 -3.68
CA TYR B 224 -15.99 -13.03 -3.09
C TYR B 224 -14.70 -13.57 -3.63
N TRP B 225 -13.81 -12.71 -4.11
CA TRP B 225 -12.52 -13.11 -4.68
C TRP B 225 -11.37 -12.51 -3.88
N ASN B 226 -10.35 -13.32 -3.59
CA ASN B 226 -9.08 -12.80 -3.05
C ASN B 226 -8.26 -12.09 -4.15
N VAL B 227 -7.84 -10.86 -3.90
CA VAL B 227 -7.12 -10.13 -4.94
C VAL B 227 -6.04 -9.35 -4.25
N ALA B 228 -4.79 -9.64 -4.63
CA ALA B 228 -3.62 -9.03 -3.98
C ALA B 228 -3.66 -7.52 -4.21
N GLU B 229 -3.51 -6.77 -3.14
CA GLU B 229 -3.37 -5.32 -3.23
C GLU B 229 -2.21 -4.98 -4.15
N GLY B 230 -2.23 -3.79 -4.72
CA GLY B 230 -1.18 -3.39 -5.66
C GLY B 230 -1.66 -3.62 -7.09
N PRO B 231 -0.76 -4.07 -7.98
CA PRO B 231 -1.04 -4.33 -9.39
C PRO B 231 -2.35 -5.07 -9.65
N ASP B 232 -2.67 -6.11 -8.86
CA ASP B 232 -3.83 -6.95 -9.22
C ASP B 232 -5.12 -6.25 -8.85
N LEU B 233 -5.17 -5.68 -7.67
CA LEU B 233 -6.36 -4.94 -7.27
C LEU B 233 -6.48 -3.67 -8.10
N ASP B 234 -5.36 -3.03 -8.42
CA ASP B 234 -5.44 -1.81 -9.19
C ASP B 234 -6.03 -2.06 -10.56
N GLU B 235 -5.69 -3.18 -11.20
CA GLU B 235 -6.22 -3.46 -12.54
C GLU B 235 -7.70 -3.89 -12.45
N LEU B 236 -8.08 -4.47 -11.34
CA LEU B 236 -9.47 -4.84 -11.21
C LEU B 236 -10.35 -3.61 -10.99
N MET B 237 -9.82 -2.61 -10.31
CA MET B 237 -10.64 -1.50 -9.86
C MET B 237 -10.54 -0.33 -10.80
N THR B 238 -9.86 -0.53 -11.92
CA THR B 238 -9.74 0.53 -12.90
C THR B 238 -10.82 0.33 -13.95
N ASP B 239 -11.61 1.38 -14.15
CA ASP B 239 -12.74 1.36 -15.08
C ASP B 239 -12.27 1.49 -16.51
N VAL B 240 -13.21 1.43 -17.44
CA VAL B 240 -12.93 1.34 -18.87
C VAL B 240 -12.26 2.62 -19.38
N ARG B 241 -12.44 3.72 -18.65
CA ARG B 241 -11.80 4.95 -19.08
C ARG B 241 -10.49 5.27 -18.34
N GLY B 242 -10.00 4.30 -17.54
CA GLY B 242 -8.69 4.41 -16.90
C GLY B 242 -8.69 5.08 -15.54
N ILE B 243 -9.82 5.05 -14.85
CA ILE B 243 -9.87 5.59 -13.51
C ILE B 243 -9.84 4.45 -12.50
N ARG B 244 -8.88 4.52 -11.57
CA ARG B 244 -8.78 3.55 -10.51
C ARG B 244 -9.81 3.98 -9.49
N LEU B 245 -10.91 3.25 -9.38
CA LEU B 245 -11.97 3.70 -8.52
C LEU B 245 -11.77 3.22 -7.10
N PRO B 246 -12.16 4.02 -6.11
CA PRO B 246 -11.96 3.62 -4.70
C PRO B 246 -12.78 2.45 -4.15
N THR B 247 -14.01 2.25 -4.60
CA THR B 247 -14.97 1.36 -3.90
C THR B 247 -15.64 0.33 -4.82
N SER B 248 -16.33 0.78 -5.88
CA SER B 248 -16.98 -0.14 -6.82
C SER B 248 -16.63 0.21 -8.25
N VAL B 249 -16.66 -0.78 -9.14
CA VAL B 249 -16.71 -0.50 -10.56
C VAL B 249 -18.04 -1.00 -11.06
N HIS B 250 -18.94 -0.11 -11.46
CA HIS B 250 -20.24 -0.52 -11.98
C HIS B 250 -20.19 -1.19 -13.35
N ASN B 251 -21.20 -2.00 -13.61
CA ASN B 251 -21.24 -2.82 -14.79
C ASN B 251 -20.95 -2.03 -16.08
N ASN B 252 -21.55 -0.84 -16.21
CA ASN B 252 -21.43 -0.06 -17.45
C ASN B 252 -20.02 0.43 -17.67
N SER B 253 -19.18 0.29 -16.65
CA SER B 253 -17.85 0.85 -16.67
C SER B 253 -16.71 -0.19 -16.55
N LEU B 254 -17.05 -1.47 -16.57
CA LEU B 254 -16.04 -2.49 -16.43
C LEU B 254 -15.07 -2.45 -17.60
N ASN B 255 -13.81 -2.73 -17.28
CA ASN B 255 -12.88 -3.16 -18.27
C ASN B 255 -13.42 -4.51 -18.82
N PRO B 256 -13.66 -4.61 -20.13
CA PRO B 256 -14.13 -5.86 -20.69
C PRO B 256 -13.32 -7.07 -20.25
N HIS B 257 -12.02 -6.90 -20.11
CA HIS B 257 -11.14 -7.95 -19.62
C HIS B 257 -11.58 -8.52 -18.27
N ASN B 258 -11.92 -7.64 -17.33
CA ASN B 258 -12.31 -8.09 -16.00
C ASN B 258 -13.64 -8.80 -16.04
N LEU B 259 -14.54 -8.38 -16.94
CA LEU B 259 -15.80 -9.06 -17.09
C LEU B 259 -15.58 -10.43 -17.70
N ARG B 260 -14.71 -10.52 -18.71
CA ARG B 260 -14.36 -11.83 -19.27
C ARG B 260 -13.83 -12.80 -18.22
N GLN B 261 -12.96 -12.31 -17.35
CA GLN B 261 -12.37 -13.09 -16.30
C GLN B 261 -13.44 -13.59 -15.31
N PHE B 262 -14.33 -12.68 -14.94
CA PHE B 262 -15.42 -13.07 -14.06
C PHE B 262 -16.15 -14.26 -14.66
N HIS B 263 -16.56 -14.13 -15.92
CA HIS B 263 -17.25 -15.20 -16.62
C HIS B 263 -16.40 -16.47 -16.74
N SER B 264 -15.16 -16.28 -17.14
CA SER B 264 -14.33 -17.44 -17.42
C SER B 264 -13.90 -18.18 -16.14
N LYS B 265 -13.67 -17.48 -15.03
CA LYS B 265 -13.50 -18.16 -13.74
C LYS B 265 -14.77 -18.89 -13.34
N GLY B 266 -15.91 -18.31 -13.74
CA GLY B 266 -17.23 -18.81 -13.35
C GLY B 266 -17.51 -20.13 -13.99
N GLU B 267 -16.96 -20.34 -15.19
CA GLU B 267 -17.06 -21.61 -15.90
C GLU B 267 -16.71 -22.88 -15.08
N SER B 268 -15.78 -22.77 -14.14
CA SER B 268 -15.35 -23.92 -13.33
C SER B 268 -16.38 -24.35 -12.32
N LEU B 269 -17.31 -23.46 -11.99
CA LEU B 269 -18.19 -23.69 -10.88
C LEU B 269 -19.25 -24.72 -11.24
N PHE B 270 -19.76 -25.38 -10.20
CA PHE B 270 -20.85 -26.32 -10.34
C PHE B 270 -22.01 -25.63 -11.02
N LYS B 271 -22.68 -26.38 -11.89
CA LYS B 271 -23.66 -25.83 -12.82
C LYS B 271 -24.48 -24.61 -12.32
N PRO B 272 -25.27 -24.78 -11.23
CA PRO B 272 -26.15 -23.68 -10.80
C PRO B 272 -25.43 -22.39 -10.44
N PHE B 273 -24.27 -22.47 -9.79
CA PHE B 273 -23.52 -21.24 -9.49
C PHE B 273 -22.92 -20.70 -10.76
N ARG B 274 -22.43 -21.59 -11.61
CA ARG B 274 -21.88 -21.21 -12.88
C ARG B 274 -22.93 -20.39 -13.60
N ASP B 275 -24.16 -20.89 -13.65
CA ASP B 275 -25.22 -20.19 -14.36
C ASP B 275 -25.62 -18.84 -13.76
N LEU B 276 -25.60 -18.70 -12.44
CA LEU B 276 -25.79 -17.39 -11.84
C LEU B 276 -24.73 -16.43 -12.37
N VAL B 277 -23.45 -16.85 -12.33
CA VAL B 277 -22.35 -16.01 -12.79
C VAL B 277 -22.42 -15.63 -14.27
N LEU B 278 -22.69 -16.59 -15.15
CA LEU B 278 -22.58 -16.38 -16.60
C LEU B 278 -23.80 -15.67 -17.19
N ASN B 279 -24.90 -15.70 -16.45
CA ASN B 279 -26.12 -15.19 -16.99
C ASN B 279 -26.51 -13.86 -16.38
N ALA B 280 -25.93 -13.47 -15.25
CA ALA B 280 -26.29 -12.17 -14.68
C ALA B 280 -26.06 -11.10 -15.75
N SER B 281 -26.94 -10.13 -15.88
CA SER B 281 -26.73 -9.17 -16.94
C SER B 281 -25.91 -7.99 -16.48
N SER B 282 -25.93 -7.68 -15.18
CA SER B 282 -25.14 -6.53 -14.72
C SER B 282 -24.24 -6.70 -13.55
N PRO B 283 -23.35 -7.70 -13.57
CA PRO B 283 -22.56 -7.91 -12.36
C PRO B 283 -21.60 -6.76 -12.19
N PHE B 284 -21.31 -6.42 -10.94
CA PHE B 284 -20.32 -5.38 -10.68
C PHE B 284 -19.50 -5.75 -9.47
N VAL B 285 -18.44 -5.00 -9.23
CA VAL B 285 -17.47 -5.40 -8.22
C VAL B 285 -17.25 -4.31 -7.15
N THR B 286 -17.11 -4.73 -5.90
CA THR B 286 -16.94 -3.83 -4.77
C THR B 286 -15.82 -4.36 -3.88
N VAL B 287 -14.87 -3.50 -3.47
CA VAL B 287 -13.82 -3.96 -2.60
C VAL B 287 -14.40 -4.17 -1.22
N VAL B 288 -13.85 -5.12 -0.47
CA VAL B 288 -14.23 -5.29 0.93
C VAL B 288 -13.16 -4.58 1.72
N ALA B 289 -13.56 -3.56 2.47
CA ALA B 289 -12.60 -2.81 3.26
C ALA B 289 -13.20 -2.57 4.63
N ASP B 290 -12.38 -2.43 5.67
CA ASP B 290 -12.96 -2.08 6.95
C ASP B 290 -12.22 -0.92 7.62
N ALA B 291 -12.85 -0.38 8.66
CA ALA B 291 -12.33 0.74 9.41
C ALA B 291 -12.89 0.68 10.82
N THR B 292 -12.11 1.12 11.79
CA THR B 292 -12.60 1.21 13.16
C THR B 292 -12.25 2.56 13.77
N VAL B 293 -12.93 2.92 14.85
CA VAL B 293 -12.66 4.17 15.52
C VAL B 293 -12.65 3.87 17.01
N ASP B 294 -12.10 4.80 17.80
CA ASP B 294 -12.05 4.64 19.26
C ASP B 294 -13.17 5.38 19.96
N ARG B 295 -13.65 6.43 19.31
CA ARG B 295 -14.72 7.25 19.85
C ARG B 295 -15.70 7.54 18.74
N MET B 296 -16.97 7.56 19.08
CA MET B 296 -18.00 8.00 18.16
C MET B 296 -18.41 9.45 18.46
N VAL B 297 -18.13 9.92 19.68
CA VAL B 297 -18.40 11.31 20.08
C VAL B 297 -17.12 12.11 19.84
N HIS B 298 -17.24 13.27 19.22
CA HIS B 298 -16.08 14.12 18.92
C HIS B 298 -16.50 15.57 19.04
N GLY B 299 -16.53 16.05 20.27
CA GLY B 299 -17.10 17.36 20.55
C GLY B 299 -18.57 17.33 20.18
N ARG B 300 -18.97 18.09 19.18
CA ARG B 300 -20.38 18.13 18.84
C ARG B 300 -20.70 17.24 17.66
N VAL B 301 -19.73 16.43 17.25
CA VAL B 301 -19.85 15.63 16.04
C VAL B 301 -19.87 14.15 16.38
N LEU B 302 -20.81 13.43 15.78
CA LEU B 302 -21.08 12.05 16.13
C LEU B 302 -20.99 11.17 14.91
N LEU B 303 -20.41 9.99 15.06
CA LEU B 303 -20.30 9.08 13.93
C LEU B 303 -21.22 7.89 14.16
N ILE B 304 -22.07 7.57 13.18
CA ILE B 304 -22.91 6.39 13.31
C ILE B 304 -22.83 5.56 12.05
N GLY B 305 -23.32 4.32 12.11
CA GLY B 305 -23.35 3.42 10.96
C GLY B 305 -21.99 3.13 10.41
N ASP B 306 -21.90 2.99 9.08
CA ASP B 306 -20.61 2.66 8.47
C ASP B 306 -19.58 3.74 8.72
N ALA B 307 -20.02 4.94 9.06
CA ALA B 307 -19.11 6.07 9.26
C ALA B 307 -18.32 5.87 10.54
N ALA B 308 -18.87 5.12 11.49
CA ALA B 308 -18.13 4.73 12.71
C ALA B 308 -17.30 3.46 12.50
N VAL B 309 -17.93 2.30 12.66
CA VAL B 309 -17.28 1.04 12.36
C VAL B 309 -17.75 0.59 11.00
N THR B 310 -16.82 0.48 10.07
CA THR B 310 -17.12 -0.01 8.73
C THR B 310 -16.88 -1.49 8.76
N PRO B 311 -17.94 -2.29 8.63
CA PRO B 311 -17.84 -3.72 8.78
C PRO B 311 -17.66 -4.42 7.42
N ARG B 312 -17.56 -5.75 7.45
CA ARG B 312 -17.54 -6.60 6.27
C ARG B 312 -18.89 -7.30 6.19
N PRO B 313 -19.34 -7.67 4.96
CA PRO B 313 -20.71 -8.11 4.75
C PRO B 313 -21.15 -9.45 5.37
N HIS B 314 -20.25 -10.16 6.04
CA HIS B 314 -20.43 -11.60 6.24
C HIS B 314 -21.51 -11.99 7.19
N ALA B 315 -21.83 -11.11 8.13
CA ALA B 315 -22.76 -11.43 9.20
C ALA B 315 -24.10 -10.77 8.93
N ALA B 316 -24.20 -10.14 7.76
CA ALA B 316 -25.47 -9.67 7.25
C ALA B 316 -26.22 -8.73 8.20
N ALA B 317 -25.48 -7.86 8.88
CA ALA B 317 -26.09 -6.98 9.88
C ALA B 317 -25.53 -5.56 9.90
N GLY B 318 -24.75 -5.21 8.89
CA GLY B 318 -24.22 -3.86 8.75
C GLY B 318 -25.27 -2.79 8.85
N GLY B 319 -26.26 -2.84 7.96
CA GLY B 319 -27.39 -1.93 8.03
C GLY B 319 -28.15 -2.01 9.35
N ALA B 320 -28.19 -3.17 10.00
CA ALA B 320 -28.86 -3.28 11.31
C ALA B 320 -28.11 -2.47 12.37
N LYS B 321 -26.78 -2.51 12.30
CA LYS B 321 -25.93 -1.76 13.21
C LYS B 321 -26.16 -0.27 12.96
N ALA B 322 -26.13 0.10 11.68
CA ALA B 322 -26.41 1.47 11.28
C ALA B 322 -27.73 1.95 11.88
N SER B 323 -28.78 1.15 11.71
CA SER B 323 -30.11 1.47 12.25
C SER B 323 -30.08 1.59 13.78
N ASP B 324 -29.38 0.68 14.44
CA ASP B 324 -29.26 0.68 15.90
C ASP B 324 -28.57 1.93 16.41
N ASP B 325 -27.39 2.22 15.85
CA ASP B 325 -26.67 3.48 16.11
C ASP B 325 -27.62 4.69 16.08
N ALA B 326 -28.33 4.83 14.97
CA ALA B 326 -29.30 5.92 14.79
C ALA B 326 -30.44 5.91 15.83
N ARG B 327 -31.09 4.76 16.02
CA ARG B 327 -32.12 4.62 17.05
C ARG B 327 -31.63 5.13 18.39
N THR B 328 -30.54 4.53 18.86
CA THR B 328 -30.03 4.83 20.18
C THR B 328 -29.55 6.28 20.28
N LEU B 329 -28.94 6.81 19.22
CA LEU B 329 -28.46 8.18 19.26
C LEU B 329 -29.62 9.17 19.37
N ALA B 330 -30.66 8.94 18.57
CA ALA B 330 -31.86 9.77 18.60
C ALA B 330 -32.48 9.78 20.00
N GLU B 331 -32.58 8.61 20.60
CA GLU B 331 -33.14 8.47 21.95
C GLU B 331 -32.32 9.26 22.96
N VAL B 332 -31.04 9.50 22.65
CA VAL B 332 -30.20 10.35 23.50
C VAL B 332 -30.67 11.78 23.40
N PHE B 333 -30.95 12.26 22.19
CA PHE B 333 -31.51 13.59 22.02
C PHE B 333 -32.99 13.69 22.36
N THR B 334 -33.69 12.56 22.38
CA THR B 334 -35.09 12.51 22.83
C THR B 334 -35.19 12.59 24.35
N LYS B 335 -34.39 11.77 25.03
CA LYS B 335 -34.32 11.74 26.49
C LYS B 335 -33.85 13.10 27.03
N ASN B 336 -32.81 13.65 26.40
CA ASN B 336 -32.36 15.03 26.64
C ASN B 336 -32.18 15.39 28.11
N HIS B 337 -31.23 14.73 28.75
CA HIS B 337 -30.90 14.99 30.14
C HIS B 337 -29.40 14.79 30.25
N ASP B 338 -28.65 15.89 30.38
CA ASP B 338 -27.17 15.86 30.42
C ASP B 338 -26.64 15.15 29.17
N LEU B 339 -26.61 15.89 28.06
CA LEU B 339 -26.21 15.31 26.78
C LEU B 339 -24.75 14.83 26.75
N ARG B 340 -23.80 15.68 27.16
CA ARG B 340 -22.39 15.28 27.34
C ARG B 340 -22.26 13.89 27.97
N GLY B 341 -22.95 13.69 29.09
CA GLY B 341 -22.94 12.39 29.79
C GLY B 341 -23.73 11.31 29.08
N SER B 342 -24.92 11.66 28.60
CA SER B 342 -25.78 10.72 27.87
C SER B 342 -25.05 10.14 26.66
N LEU B 343 -24.29 10.99 25.98
CA LEU B 343 -23.57 10.61 24.75
C LEU B 343 -22.43 9.65 25.04
N GLN B 344 -21.69 9.92 26.12
CA GLN B 344 -20.63 9.00 26.54
C GLN B 344 -21.16 7.60 26.87
N SER B 345 -22.28 7.53 27.59
CA SER B 345 -23.00 6.25 27.79
C SER B 345 -23.31 5.57 26.45
N TRP B 346 -23.94 6.32 25.54
CA TRP B 346 -24.32 5.84 24.21
C TRP B 346 -23.12 5.23 23.46
N GLU B 347 -22.05 6.01 23.33
CA GLU B 347 -20.90 5.56 22.54
C GLU B 347 -20.24 4.34 23.15
N THR B 348 -20.18 4.30 24.46
CA THR B 348 -19.61 3.13 25.11
C THR B 348 -20.35 1.86 24.67
N ARG B 349 -21.67 1.91 24.68
CA ARG B 349 -22.46 0.75 24.31
C ARG B 349 -22.35 0.42 22.83
N GLN B 350 -22.37 1.46 21.99
CA GLN B 350 -22.29 1.28 20.54
C GLN B 350 -20.91 0.85 20.08
N LEU B 351 -19.85 1.33 20.73
CA LEU B 351 -18.50 0.94 20.36
C LEU B 351 -18.25 -0.53 20.67
N GLN B 352 -18.79 -0.97 21.80
CA GLN B 352 -18.74 -2.36 22.20
C GLN B 352 -19.35 -3.23 21.12
N GLN B 353 -20.53 -2.82 20.66
CA GLN B 353 -21.26 -3.57 19.63
C GLN B 353 -20.49 -3.51 18.29
N GLY B 354 -20.06 -2.32 17.89
CA GLY B 354 -19.31 -2.12 16.67
C GLY B 354 -18.05 -2.94 16.62
N HIS B 355 -17.31 -2.96 17.74
CA HIS B 355 -16.06 -3.69 17.77
C HIS B 355 -16.31 -5.18 17.78
N ALA B 356 -17.32 -5.63 18.53
CA ALA B 356 -17.61 -7.06 18.61
C ALA B 356 -18.04 -7.53 17.23
N TYR B 357 -18.85 -6.72 16.55
CA TYR B 357 -19.31 -7.09 15.23
C TYR B 357 -18.15 -7.17 14.26
N LEU B 358 -17.27 -6.18 14.27
CA LEU B 358 -16.14 -6.21 13.34
C LEU B 358 -15.32 -7.46 13.62
N ASN B 359 -15.10 -7.79 14.89
CA ASN B 359 -14.35 -8.99 15.20
C ASN B 359 -15.06 -10.24 14.77
N LYS B 360 -16.38 -10.21 14.76
CA LYS B 360 -17.13 -11.38 14.35
C LYS B 360 -16.92 -11.60 12.84
N VAL B 361 -17.12 -10.56 12.05
CA VAL B 361 -17.03 -10.74 10.61
C VAL B 361 -15.61 -11.08 10.15
N LYS B 362 -14.63 -10.54 10.84
CA LYS B 362 -13.22 -10.84 10.56
C LYS B 362 -12.92 -12.31 10.71
N LYS B 363 -13.47 -12.90 11.76
CA LYS B 363 -13.27 -14.32 12.01
C LYS B 363 -13.93 -15.14 10.90
N MET B 364 -15.12 -14.73 10.46
CA MET B 364 -15.82 -15.41 9.37
C MET B 364 -15.07 -15.30 8.06
N ALA B 365 -14.53 -14.12 7.80
CA ALA B 365 -13.79 -13.89 6.59
C ALA B 365 -12.67 -14.92 6.35
N SER B 366 -11.88 -15.30 7.38
CA SER B 366 -10.74 -16.22 7.12
C SER B 366 -11.23 -17.60 6.76
N ARG B 367 -12.27 -18.06 7.41
CA ARG B 367 -12.81 -19.36 7.05
C ARG B 367 -13.33 -19.35 5.62
N LEU B 368 -14.13 -18.34 5.27
CA LEU B 368 -14.85 -18.33 4.00
C LEU B 368 -13.96 -18.03 2.81
N GLN B 369 -12.87 -17.31 3.04
CA GLN B 369 -11.97 -16.94 1.95
C GLN B 369 -10.79 -17.90 1.81
N HIS B 370 -10.59 -18.82 2.76
CA HIS B 370 -9.42 -19.71 2.71
C HIS B 370 -9.67 -21.17 3.01
N GLY B 371 -10.90 -21.62 2.79
CA GLY B 371 -11.24 -23.01 2.91
C GLY B 371 -11.21 -23.45 4.35
N GLY B 372 -11.53 -22.54 5.26
CA GLY B 372 -11.53 -22.87 6.67
C GLY B 372 -12.75 -23.66 7.10
N SER B 373 -12.68 -24.27 8.26
CA SER B 373 -13.81 -24.95 8.83
C SER B 373 -14.94 -23.95 8.98
N PHE B 374 -16.15 -24.37 8.56
CA PHE B 374 -17.35 -23.54 8.57
C PHE B 374 -18.60 -24.43 8.78
N GLU B 375 -18.63 -25.06 9.95
CA GLU B 375 -19.79 -25.86 10.38
C GLU B 375 -21.15 -25.25 10.04
N PRO B 376 -22.04 -26.06 9.41
CA PRO B 376 -23.42 -25.70 9.19
C PRO B 376 -24.07 -25.39 10.53
N GLY B 377 -24.52 -24.15 10.67
CA GLY B 377 -25.23 -23.70 11.88
C GLY B 377 -24.39 -23.43 13.10
N ASN B 378 -23.10 -23.16 12.90
CA ASN B 378 -22.22 -22.72 14.00
C ASN B 378 -22.65 -21.36 14.55
N PRO B 379 -23.15 -21.32 15.80
CA PRO B 379 -23.71 -20.10 16.41
C PRO B 379 -22.79 -18.87 16.34
N ALA B 380 -21.49 -19.10 16.29
CA ALA B 380 -20.54 -18.01 16.16
C ALA B 380 -20.54 -17.39 14.76
N PHE B 381 -21.12 -18.10 13.78
CA PHE B 381 -21.18 -17.64 12.38
C PHE B 381 -22.60 -17.40 11.87
N ALA B 382 -23.56 -17.35 12.79
CA ALA B 382 -24.92 -16.97 12.45
C ALA B 382 -24.94 -15.48 12.14
N PHE B 383 -25.81 -15.06 11.21
CA PHE B 383 -26.01 -13.62 10.94
C PHE B 383 -26.55 -12.88 12.17
N GLY B 384 -26.26 -11.59 12.28
CA GLY B 384 -26.91 -10.71 13.26
C GLY B 384 -25.91 -9.98 14.13
N LEU B 385 -26.39 -8.99 14.86
CA LEU B 385 -25.55 -8.28 15.81
C LEU B 385 -25.32 -9.19 17.01
N PRO B 386 -24.13 -9.11 17.65
CA PRO B 386 -23.88 -10.07 18.70
C PRO B 386 -24.74 -9.76 19.90
N LYS B 387 -25.07 -10.79 20.67
CA LYS B 387 -25.82 -10.61 21.91
C LYS B 387 -25.30 -9.49 22.85
N VAL B 388 -23.97 -9.23 22.82
CA VAL B 388 -23.24 -8.44 23.84
C VAL B 388 -24.09 -7.67 24.88
N SER C 2 22.25 1.18 -39.06
CA SER C 2 21.98 -0.12 -38.40
C SER C 2 20.99 -0.10 -37.21
N PRO C 3 19.86 0.67 -37.31
CA PRO C 3 18.91 0.67 -36.18
C PRO C 3 18.34 -0.72 -35.92
N THR C 4 17.83 -0.93 -34.70
CA THR C 4 17.22 -2.20 -34.30
C THR C 4 15.96 -2.55 -35.11
N THR C 5 15.69 -3.85 -35.30
CA THR C 5 14.47 -4.32 -35.99
C THR C 5 13.38 -4.71 -35.00
N ASP C 6 13.69 -4.62 -33.71
CA ASP C 6 12.71 -4.91 -32.66
C ASP C 6 11.55 -3.92 -32.70
N ARG C 7 10.42 -4.39 -32.21
CA ARG C 7 9.22 -3.60 -32.03
C ARG C 7 9.28 -2.87 -30.70
N ILE C 8 8.95 -1.57 -30.72
CA ILE C 8 8.95 -0.73 -29.53
C ILE C 8 7.58 -0.10 -29.38
N ALA C 9 7.11 -0.01 -28.14
CA ALA C 9 5.85 0.66 -27.82
C ALA C 9 6.10 1.81 -26.84
N VAL C 10 5.50 2.95 -27.11
CA VAL C 10 5.55 4.07 -26.18
C VAL C 10 4.19 4.24 -25.52
N VAL C 11 4.14 4.07 -24.21
CA VAL C 11 2.94 4.35 -23.44
C VAL C 11 2.95 5.82 -23.00
N GLY C 12 1.95 6.56 -23.44
CA GLY C 12 1.89 8.00 -23.18
C GLY C 12 2.31 8.75 -24.42
N GLY C 13 1.44 9.62 -24.90
CA GLY C 13 1.69 10.33 -26.15
C GLY C 13 1.73 11.84 -26.01
N SER C 14 2.55 12.32 -25.09
CA SER C 14 2.75 13.74 -24.89
C SER C 14 4.21 14.10 -25.30
N ILE C 15 4.87 14.99 -24.58
CA ILE C 15 6.19 15.46 -25.00
C ILE C 15 7.22 14.33 -25.05
N SER C 16 7.33 13.60 -23.95
CA SER C 16 8.22 12.44 -23.88
C SER C 16 7.98 11.48 -25.03
N GLY C 17 6.76 10.93 -25.04
CA GLY C 17 6.35 9.85 -25.92
C GLY C 17 6.48 10.19 -27.37
N LEU C 18 6.04 11.39 -27.74
CA LEU C 18 6.07 11.83 -29.12
C LEU C 18 7.51 11.99 -29.58
N THR C 19 8.30 12.72 -28.80
CA THR C 19 9.70 12.93 -29.11
C THR C 19 10.37 11.59 -29.38
N ALA C 20 10.10 10.62 -28.49
CA ALA C 20 10.66 9.28 -28.57
C ALA C 20 10.22 8.57 -29.84
N ALA C 21 8.92 8.58 -30.10
CA ALA C 21 8.36 7.89 -31.27
C ALA C 21 8.88 8.50 -32.58
N LEU C 22 8.86 9.83 -32.63
CA LEU C 22 9.26 10.57 -33.80
C LEU C 22 10.69 10.23 -34.20
N MET C 23 11.58 10.20 -33.22
CA MET C 23 12.98 9.94 -33.52
C MET C 23 13.19 8.49 -33.86
N LEU C 24 12.40 7.61 -33.25
CA LEU C 24 12.51 6.20 -33.54
C LEU C 24 12.07 5.94 -34.97
N ARG C 25 10.93 6.53 -35.34
CA ARG C 25 10.42 6.37 -36.70
C ARG C 25 11.37 6.95 -37.73
N ASP C 26 11.96 8.11 -37.42
CA ASP C 26 12.89 8.76 -38.31
C ASP C 26 14.05 7.85 -38.66
N ALA C 27 14.38 6.97 -37.72
CA ALA C 27 15.48 6.03 -37.91
C ALA C 27 15.00 4.67 -38.44
N GLY C 28 13.73 4.56 -38.78
CA GLY C 28 13.21 3.33 -39.35
C GLY C 28 12.89 2.25 -38.31
N VAL C 29 12.77 2.66 -37.05
CA VAL C 29 12.36 1.72 -36.01
C VAL C 29 10.85 1.57 -36.00
N ASP C 30 10.41 0.33 -35.87
CA ASP C 30 8.99 0.05 -35.78
C ASP C 30 8.45 0.45 -34.40
N VAL C 31 7.64 1.52 -34.38
CA VAL C 31 7.11 2.07 -33.13
C VAL C 31 5.60 2.42 -33.17
N ASP C 32 4.88 2.15 -32.08
CA ASP C 32 3.50 2.60 -31.86
C ASP C 32 3.38 3.41 -30.58
N VAL C 33 2.46 4.38 -30.55
CA VAL C 33 2.20 5.13 -29.32
C VAL C 33 0.81 4.80 -28.79
N TYR C 34 0.70 4.57 -27.49
CA TYR C 34 -0.57 4.26 -26.84
C TYR C 34 -0.85 5.37 -25.85
N GLU C 35 -1.90 6.14 -26.16
CA GLU C 35 -2.29 7.30 -25.37
C GLU C 35 -3.67 7.11 -24.75
N ARG C 36 -3.80 7.37 -23.46
CA ARG C 36 -5.06 7.06 -22.77
C ARG C 36 -6.21 7.97 -23.22
N SER C 37 -5.86 9.19 -23.61
CA SER C 37 -6.84 10.21 -23.95
C SER C 37 -7.60 9.83 -25.21
N PRO C 38 -8.92 10.08 -25.24
CA PRO C 38 -9.72 9.56 -26.36
C PRO C 38 -9.45 10.32 -27.65
N GLN C 39 -8.91 11.53 -27.53
CA GLN C 39 -8.56 12.34 -28.71
C GLN C 39 -7.23 13.07 -28.43
N PRO C 40 -6.62 13.67 -29.46
CA PRO C 40 -5.36 14.40 -29.19
C PRO C 40 -5.50 15.51 -28.14
N LEU C 41 -4.37 15.81 -27.49
CA LEU C 41 -4.32 16.53 -26.22
C LEU C 41 -4.43 18.06 -26.27
N SER C 42 -4.70 18.60 -25.07
CA SER C 42 -4.76 20.02 -24.76
C SER C 42 -3.92 20.35 -23.48
N GLY C 43 -3.10 21.38 -23.61
CA GLY C 43 -2.63 22.13 -22.45
C GLY C 43 -3.81 23.04 -22.11
N PHE C 44 -3.80 23.61 -20.92
CA PHE C 44 -4.98 24.39 -20.55
C PHE C 44 -4.81 25.90 -20.79
N GLY C 45 -4.03 26.17 -21.85
CA GLY C 45 -3.50 27.50 -22.15
C GLY C 45 -2.09 27.66 -21.61
N THR C 46 -1.77 26.96 -20.52
CA THR C 46 -0.62 27.29 -19.70
C THR C 46 0.73 27.34 -20.43
N GLY C 47 1.61 28.22 -19.95
CA GLY C 47 2.88 28.51 -20.60
C GLY C 47 4.05 27.67 -20.14
N ILE C 48 5.11 27.75 -20.93
CA ILE C 48 6.31 26.94 -20.77
C ILE C 48 7.50 27.76 -21.24
N VAL C 49 8.54 27.80 -20.41
CA VAL C 49 9.78 28.48 -20.77
C VAL C 49 10.58 27.59 -21.70
N VAL C 50 11.04 28.17 -22.82
CA VAL C 50 11.77 27.41 -23.83
C VAL C 50 13.23 27.16 -23.43
N GLN C 51 13.66 25.91 -23.54
CA GLN C 51 15.06 25.49 -23.35
C GLN C 51 15.51 24.80 -24.63
N PRO C 52 16.79 24.92 -24.99
CA PRO C 52 17.26 24.24 -26.20
C PRO C 52 16.70 22.82 -26.35
N GLU C 53 16.74 22.05 -25.27
CA GLU C 53 16.35 20.63 -25.29
C GLU C 53 14.87 20.41 -25.65
N LEU C 54 14.02 21.35 -25.22
CA LEU C 54 12.59 21.23 -25.44
C LEU C 54 12.27 21.36 -26.94
N VAL C 55 12.89 22.34 -27.58
CA VAL C 55 12.55 22.65 -28.98
C VAL C 55 13.53 22.05 -29.98
N HIS C 56 14.51 21.29 -29.50
CA HIS C 56 15.55 20.77 -30.38
C HIS C 56 15.00 19.98 -31.56
N TYR C 57 14.06 19.09 -31.31
CA TYR C 57 13.55 18.28 -32.40
C TYR C 57 12.81 19.08 -33.48
N LEU C 58 11.86 19.93 -33.06
CA LEU C 58 11.08 20.77 -34.01
C LEU C 58 11.99 21.66 -34.86
N LEU C 59 13.03 22.20 -34.24
CA LEU C 59 13.95 23.04 -34.97
C LEU C 59 14.67 22.23 -36.04
N GLU C 60 15.05 21.00 -35.68
CA GLU C 60 15.66 20.06 -36.64
C GLU C 60 14.75 19.80 -37.83
N GLN C 61 13.45 20.00 -37.64
CA GLN C 61 12.49 19.72 -38.70
C GLN C 61 12.05 20.95 -39.50
N GLY C 62 12.72 22.07 -39.28
CA GLY C 62 12.47 23.29 -40.03
C GLY C 62 11.58 24.32 -39.37
N VAL C 63 10.96 23.97 -38.24
CA VAL C 63 10.07 24.90 -37.54
C VAL C 63 10.85 26.15 -37.08
N GLU C 64 10.33 27.30 -37.45
CA GLU C 64 10.86 28.60 -37.07
C GLU C 64 10.55 28.80 -35.58
N LEU C 65 11.55 29.12 -34.77
CA LEU C 65 11.33 29.39 -33.34
C LEU C 65 10.38 30.57 -33.08
N ASP C 66 10.62 31.68 -33.78
CA ASP C 66 9.85 32.91 -33.58
C ASP C 66 8.35 32.69 -33.80
N SER C 67 8.01 31.56 -34.41
CA SER C 67 6.64 31.27 -34.77
C SER C 67 5.93 30.58 -33.63
N ILE C 68 6.69 29.93 -32.75
CA ILE C 68 6.08 29.16 -31.67
C ILE C 68 6.43 29.67 -30.27
N SER C 69 7.03 30.85 -30.22
CA SER C 69 7.46 31.46 -28.97
C SER C 69 7.41 32.98 -29.06
N VAL C 70 7.36 33.61 -27.89
CA VAL C 70 7.34 35.04 -27.76
C VAL C 70 8.62 35.45 -26.98
N PRO C 71 9.22 36.63 -27.28
CA PRO C 71 10.50 36.96 -26.63
C PRO C 71 10.39 37.70 -25.29
N SER C 72 11.53 37.98 -24.67
CA SER C 72 11.58 38.76 -23.44
C SER C 72 12.89 39.54 -23.35
N SER C 73 12.89 40.63 -22.57
CA SER C 73 14.04 41.51 -22.44
C SER C 73 14.67 41.44 -21.06
N SER C 74 13.85 41.19 -20.05
CA SER C 74 14.35 41.22 -18.68
C SER C 74 13.72 40.19 -17.76
N MET C 75 14.33 40.03 -16.59
CA MET C 75 13.75 39.26 -15.53
C MET C 75 13.55 40.15 -14.31
N GLU C 76 12.32 40.23 -13.84
CA GLU C 76 11.95 41.17 -12.77
C GLU C 76 11.69 40.47 -11.45
N TYR C 77 12.05 41.13 -10.36
CA TYR C 77 11.87 40.61 -9.01
C TYR C 77 11.15 41.68 -8.22
N VAL C 78 9.91 41.38 -7.82
CA VAL C 78 9.06 42.39 -7.20
C VAL C 78 8.47 41.88 -5.89
N ASP C 79 8.45 42.72 -4.87
CA ASP C 79 7.68 42.43 -3.67
C ASP C 79 6.21 42.45 -4.06
N ALA C 80 5.56 41.28 -4.04
CA ALA C 80 4.19 41.14 -4.56
C ALA C 80 3.11 41.74 -3.65
N LEU C 81 3.53 42.22 -2.48
CA LEU C 81 2.61 42.88 -1.58
C LEU C 81 2.69 44.40 -1.74
N THR C 82 3.91 44.92 -1.75
CA THR C 82 4.13 46.37 -1.73
C THR C 82 4.41 46.99 -3.11
N GLY C 83 4.84 46.18 -4.06
CA GLY C 83 5.22 46.70 -5.36
C GLY C 83 6.67 47.14 -5.46
N GLU C 84 7.39 47.12 -4.34
CA GLU C 84 8.82 47.43 -4.33
C GLU C 84 9.56 46.54 -5.33
N ARG C 85 10.36 47.16 -6.18
CA ARG C 85 11.15 46.41 -7.13
C ARG C 85 12.46 46.04 -6.48
N VAL C 86 12.61 44.75 -6.22
CA VAL C 86 13.72 44.21 -5.47
C VAL C 86 14.89 43.80 -6.40
N GLY C 87 14.61 43.71 -7.69
CA GLY C 87 15.65 43.32 -8.64
C GLY C 87 15.24 43.36 -10.10
N SER C 88 16.25 43.41 -10.97
CA SER C 88 16.05 43.55 -12.41
C SER C 88 17.31 43.12 -13.14
N VAL C 89 17.18 42.19 -14.08
CA VAL C 89 18.35 41.61 -14.78
C VAL C 89 18.00 41.38 -16.25
N PRO C 90 18.91 41.78 -17.17
CA PRO C 90 18.67 41.50 -18.59
C PRO C 90 18.63 40.01 -18.87
N ALA C 91 17.75 39.59 -19.76
CA ALA C 91 17.58 38.18 -20.08
C ALA C 91 16.93 38.08 -21.45
N ASP C 92 16.93 36.89 -22.03
CA ASP C 92 16.37 36.70 -23.37
C ASP C 92 15.54 35.42 -23.49
N TRP C 93 15.01 34.96 -22.37
CA TRP C 93 14.17 33.78 -22.34
C TRP C 93 13.05 33.93 -23.35
N ARG C 94 12.76 32.85 -24.06
CA ARG C 94 11.60 32.84 -24.94
C ARG C 94 10.54 31.96 -24.30
N PHE C 95 9.28 32.32 -24.47
CA PHE C 95 8.22 31.56 -23.84
C PHE C 95 7.27 31.00 -24.86
N THR C 96 6.91 29.73 -24.66
CA THR C 96 6.01 29.01 -25.54
C THR C 96 4.82 28.45 -24.73
N SER C 97 4.04 27.57 -25.34
CA SER C 97 2.91 26.96 -24.66
C SER C 97 2.93 25.46 -24.85
N TYR C 98 2.34 24.77 -23.88
CA TYR C 98 2.23 23.34 -23.98
C TYR C 98 1.58 22.95 -25.30
N ASP C 99 0.48 23.64 -25.63
CA ASP C 99 -0.22 23.41 -26.89
C ASP C 99 0.66 23.58 -28.11
N SER C 100 1.56 24.57 -28.07
CA SER C 100 2.44 24.84 -29.20
C SER C 100 3.40 23.68 -29.43
N ILE C 101 3.94 23.16 -28.34
CA ILE C 101 4.90 22.07 -28.41
C ILE C 101 4.20 20.75 -28.76
N TYR C 102 3.16 20.39 -28.00
CA TYR C 102 2.42 19.19 -28.29
C TYR C 102 1.89 19.16 -29.72
N GLY C 103 1.25 20.27 -30.11
CA GLY C 103 0.70 20.41 -31.45
C GLY C 103 1.76 20.21 -32.52
N GLY C 104 2.92 20.82 -32.30
CA GLY C 104 4.04 20.75 -33.23
C GLY C 104 4.41 19.29 -33.39
N LEU C 105 4.62 18.64 -32.26
CA LEU C 105 5.07 17.27 -32.22
C LEU C 105 3.99 16.34 -32.77
N TYR C 106 2.76 16.51 -32.32
CA TYR C 106 1.71 15.64 -32.79
C TYR C 106 1.49 15.79 -34.30
N GLU C 107 1.47 17.03 -34.78
CA GLU C 107 1.34 17.31 -36.21
C GLU C 107 2.38 16.51 -37.01
N LEU C 108 3.62 16.49 -36.52
CA LEU C 108 4.69 15.74 -37.17
C LEU C 108 4.54 14.23 -37.07
N PHE C 109 3.99 13.74 -35.97
CA PHE C 109 3.87 12.32 -35.85
C PHE C 109 2.72 11.75 -36.69
N GLY C 110 1.56 12.38 -36.67
CA GLY C 110 0.43 11.87 -37.43
C GLY C 110 -0.40 10.84 -36.64
N PRO C 111 -1.69 10.72 -37.01
CA PRO C 111 -2.62 9.87 -36.24
C PRO C 111 -2.49 8.36 -36.49
N GLU C 112 -1.79 7.95 -37.51
CA GLU C 112 -1.79 6.54 -37.85
C GLU C 112 -1.26 5.60 -36.78
N ARG C 113 -0.16 5.92 -36.17
CA ARG C 113 0.32 5.04 -35.11
C ARG C 113 0.29 5.65 -33.71
N TYR C 114 -0.57 6.66 -33.58
CA TYR C 114 -0.90 7.25 -32.31
C TYR C 114 -2.27 6.68 -31.91
N HIS C 115 -2.28 5.77 -30.96
CA HIS C 115 -3.49 5.04 -30.65
C HIS C 115 -4.18 5.64 -29.44
N THR C 116 -5.25 6.40 -29.69
CA THR C 116 -6.03 7.03 -28.63
C THR C 116 -6.94 6.00 -27.99
N SER C 117 -7.47 6.35 -26.82
CA SER C 117 -8.26 5.42 -25.96
C SER C 117 -7.49 4.16 -25.57
N LYS C 118 -6.18 4.21 -25.57
CA LYS C 118 -5.44 3.09 -25.07
C LYS C 118 -4.78 3.46 -23.73
N CYS C 119 -5.46 3.09 -22.66
CA CYS C 119 -5.01 3.41 -21.34
C CYS C 119 -4.45 2.16 -20.70
N LEU C 120 -3.12 2.14 -20.56
CA LEU C 120 -2.39 1.05 -19.93
C LEU C 120 -2.89 0.86 -18.51
N VAL C 121 -3.13 -0.39 -18.16
CA VAL C 121 -3.73 -0.64 -16.88
C VAL C 121 -3.04 -1.86 -16.27
N GLY C 122 -2.30 -2.58 -17.09
CA GLY C 122 -1.58 -3.79 -16.70
C GLY C 122 -0.32 -4.03 -17.50
N LEU C 123 0.65 -4.69 -16.87
CA LEU C 123 1.94 -4.85 -17.47
C LEU C 123 2.60 -6.16 -17.07
N SER C 124 3.23 -6.84 -18.03
CA SER C 124 4.09 -8.00 -17.70
C SER C 124 5.15 -8.22 -18.79
N GLN C 125 6.27 -8.87 -18.43
CA GLN C 125 7.36 -9.07 -19.39
C GLN C 125 8.07 -10.37 -19.15
N ASP C 126 8.52 -10.99 -20.22
CA ASP C 126 9.43 -12.14 -20.07
C ASP C 126 10.80 -11.74 -20.65
N SER C 127 11.61 -12.69 -21.05
CA SER C 127 12.93 -12.30 -21.52
C SER C 127 12.94 -11.87 -22.99
N GLU C 128 11.80 -12.01 -23.68
CA GLU C 128 11.70 -11.64 -25.10
C GLU C 128 10.81 -10.39 -25.33
N THR C 129 9.60 -10.42 -24.77
CA THR C 129 8.57 -9.43 -25.05
C THR C 129 8.01 -8.76 -23.80
N VAL C 130 7.33 -7.65 -24.00
CA VAL C 130 6.52 -7.04 -22.95
C VAL C 130 5.07 -7.13 -23.39
N GLN C 131 4.20 -7.37 -22.41
CA GLN C 131 2.79 -7.50 -22.62
C GLN C 131 2.14 -6.28 -22.00
N MET C 132 1.28 -5.61 -22.79
CA MET C 132 0.52 -4.44 -22.35
C MET C 132 -0.96 -4.74 -22.35
N ARG C 133 -1.65 -4.29 -21.31
CA ARG C 133 -3.09 -4.53 -21.19
C ARG C 133 -3.78 -3.20 -20.96
N PHE C 134 -4.84 -2.95 -21.74
CA PHE C 134 -5.49 -1.66 -21.71
C PHE C 134 -6.84 -1.70 -21.04
N SER C 135 -7.32 -0.54 -20.60
CA SER C 135 -8.61 -0.44 -19.90
C SER C 135 -9.80 -0.87 -20.75
N ASP C 136 -9.63 -0.88 -22.07
CA ASP C 136 -10.69 -1.35 -22.98
C ASP C 136 -10.67 -2.88 -23.24
N GLY C 137 -9.83 -3.62 -22.50
CA GLY C 137 -9.83 -5.07 -22.61
C GLY C 137 -8.90 -5.61 -23.69
N THR C 138 -8.23 -4.71 -24.41
CA THR C 138 -7.30 -5.16 -25.44
C THR C 138 -5.85 -5.30 -24.91
N LYS C 139 -5.02 -5.96 -25.71
CA LYS C 139 -3.59 -6.18 -25.49
C LYS C 139 -2.75 -5.58 -26.61
N ALA C 140 -1.46 -5.39 -26.31
CA ALA C 140 -0.46 -5.18 -27.34
C ALA C 140 0.86 -5.79 -26.85
N GLU C 141 1.78 -5.98 -27.79
CA GLU C 141 3.06 -6.61 -27.53
C GLU C 141 4.19 -5.78 -28.12
N ALA C 142 5.34 -5.82 -27.47
CA ALA C 142 6.53 -5.20 -28.00
C ALA C 142 7.77 -5.82 -27.37
N ASN C 143 8.91 -5.57 -27.98
CA ASN C 143 10.14 -6.03 -27.43
C ASN C 143 10.61 -5.04 -26.37
N TRP C 144 10.21 -3.79 -26.53
CA TRP C 144 10.58 -2.76 -25.58
C TRP C 144 9.40 -1.82 -25.36
N VAL C 145 9.19 -1.41 -24.11
CA VAL C 145 8.11 -0.50 -23.81
C VAL C 145 8.65 0.73 -23.13
N ILE C 146 8.45 1.88 -23.76
CA ILE C 146 8.85 3.16 -23.19
C ILE C 146 7.72 3.76 -22.34
N GLY C 147 7.99 3.88 -21.04
CA GLY C 147 7.04 4.50 -20.10
C GLY C 147 7.16 6.00 -20.18
N ALA C 148 6.23 6.61 -20.92
CA ALA C 148 6.26 8.04 -21.16
C ALA C 148 4.94 8.61 -20.70
N ASP C 149 4.43 8.04 -19.61
CA ASP C 149 3.06 8.33 -19.17
C ASP C 149 2.95 9.33 -17.99
N GLY C 150 4.01 10.08 -17.76
CA GLY C 150 3.94 11.30 -16.97
C GLY C 150 4.00 11.11 -15.47
N GLY C 151 3.71 12.19 -14.75
CA GLY C 151 3.85 12.24 -13.29
C GLY C 151 3.11 11.18 -12.51
N ALA C 152 1.95 10.75 -13.01
CA ALA C 152 1.16 9.73 -12.34
C ALA C 152 1.32 8.42 -13.10
N SER C 153 2.51 8.24 -13.66
CA SER C 153 2.79 7.06 -14.46
C SER C 153 2.26 5.76 -13.86
N VAL C 154 1.43 5.08 -14.62
CA VAL C 154 0.99 3.76 -14.27
C VAL C 154 2.11 2.73 -14.50
N VAL C 155 2.90 2.93 -15.54
CA VAL C 155 4.08 2.07 -15.71
C VAL C 155 4.94 2.05 -14.44
N ARG C 156 5.32 3.24 -13.95
CA ARG C 156 6.10 3.33 -12.74
C ARG C 156 5.36 2.73 -11.55
N LYS C 157 4.07 3.02 -11.41
CA LYS C 157 3.30 2.53 -10.27
C LYS C 157 3.32 1.01 -10.24
N ARG C 158 3.11 0.41 -11.41
CA ARG C 158 3.05 -1.04 -11.49
C ARG C 158 4.38 -1.71 -11.21
N LEU C 159 5.46 -1.06 -11.59
CA LEU C 159 6.75 -1.69 -11.58
C LEU C 159 7.42 -1.50 -10.23
N LEU C 160 7.14 -0.36 -9.60
CA LEU C 160 7.92 0.11 -8.46
C LEU C 160 7.09 0.52 -7.26
N GLY C 161 5.78 0.65 -7.45
CA GLY C 161 4.92 1.09 -6.37
C GLY C 161 5.11 2.54 -6.01
N ILE C 162 5.76 3.31 -6.90
CA ILE C 162 6.02 4.73 -6.68
C ILE C 162 4.99 5.62 -7.36
N GLU C 163 4.41 6.55 -6.60
CA GLU C 163 3.51 7.60 -7.13
C GLU C 163 4.06 8.94 -6.63
N PRO C 164 3.54 10.08 -7.12
CA PRO C 164 4.10 11.34 -6.63
C PRO C 164 3.74 11.64 -5.18
N THR C 165 4.61 12.38 -4.52
CA THR C 165 4.48 12.73 -3.10
C THR C 165 4.19 14.23 -3.02
N TYR C 166 3.15 14.57 -2.26
CA TYR C 166 2.79 15.97 -2.09
C TYR C 166 3.95 16.79 -1.53
N ALA C 167 4.16 17.99 -2.06
CA ALA C 167 5.31 18.80 -1.69
C ALA C 167 5.00 19.87 -0.67
N GLY C 168 3.75 20.00 -0.26
CA GLY C 168 3.38 20.98 0.76
C GLY C 168 2.73 22.20 0.16
N TYR C 169 2.71 22.30 -1.16
CA TYR C 169 2.11 23.45 -1.84
C TYR C 169 1.45 23.14 -3.20
N VAL C 170 0.60 24.06 -3.68
CA VAL C 170 -0.10 23.89 -4.93
C VAL C 170 0.22 25.07 -5.80
N THR C 171 -0.28 25.06 -7.03
CA THR C 171 -0.12 26.21 -7.92
C THR C 171 -1.42 26.56 -8.61
N TRP C 172 -1.81 27.83 -8.55
CA TRP C 172 -2.94 28.33 -9.31
C TRP C 172 -2.38 28.77 -10.64
N ARG C 173 -3.14 28.53 -11.70
CA ARG C 173 -2.64 28.74 -13.05
C ARG C 173 -3.69 29.49 -13.83
N GLY C 174 -3.30 30.62 -14.40
CA GLY C 174 -4.23 31.44 -15.16
C GLY C 174 -3.61 31.97 -16.44
N VAL C 175 -4.48 32.25 -17.41
CA VAL C 175 -4.05 32.80 -18.67
C VAL C 175 -4.89 34.05 -18.92
N LEU C 176 -4.25 35.18 -19.22
CA LEU C 176 -5.01 36.36 -19.61
C LEU C 176 -4.86 36.74 -21.08
N GLN C 177 -5.95 37.26 -21.65
CA GLN C 177 -6.01 37.67 -23.05
C GLN C 177 -6.05 39.18 -23.09
N PRO C 178 -5.58 39.79 -24.19
CA PRO C 178 -5.66 41.24 -24.29
C PRO C 178 -7.07 41.77 -23.98
N GLY C 179 -7.12 42.79 -23.12
CA GLY C 179 -8.38 43.47 -22.80
C GLY C 179 -8.99 43.03 -21.49
N GLU C 180 -8.52 41.88 -20.99
CA GLU C 180 -9.00 41.32 -19.73
C GLU C 180 -8.45 42.09 -18.51
N VAL C 181 -7.36 42.82 -18.74
CA VAL C 181 -6.80 43.72 -17.75
C VAL C 181 -6.52 45.04 -18.41
N ALA C 182 -6.27 46.07 -17.60
CA ALA C 182 -5.96 47.41 -18.10
C ALA C 182 -4.60 47.42 -18.81
N ASP C 183 -4.52 48.21 -19.87
CA ASP C 183 -3.31 48.36 -20.68
C ASP C 183 -2.02 48.49 -19.89
N ASP C 184 -2.06 49.30 -18.82
CA ASP C 184 -0.87 49.55 -18.01
C ASP C 184 -0.44 48.34 -17.16
N VAL C 185 -1.39 47.48 -16.79
CA VAL C 185 -1.10 46.20 -16.13
C VAL C 185 -0.49 45.20 -17.12
N TRP C 186 -1.04 45.19 -18.34
CA TRP C 186 -0.52 44.32 -19.39
C TRP C 186 0.96 44.57 -19.63
N ASN C 187 1.33 45.82 -19.88
CA ASN C 187 2.71 46.18 -20.17
C ASN C 187 3.63 46.00 -19.00
N TYR C 188 3.06 46.08 -17.80
CA TYR C 188 3.83 45.86 -16.58
C TYR C 188 4.45 44.46 -16.64
N PHE C 189 3.71 43.50 -17.20
CA PHE C 189 4.14 42.10 -17.25
C PHE C 189 4.72 41.66 -18.59
N ASN C 190 4.51 42.48 -19.62
CA ASN C 190 4.88 42.10 -20.98
C ASN C 190 6.37 42.15 -21.29
N ASP C 191 6.84 41.18 -22.09
CA ASP C 191 8.22 41.13 -22.58
C ASP C 191 9.21 40.85 -21.43
N LYS C 192 8.69 40.25 -20.36
CA LYS C 192 9.41 40.03 -19.11
C LYS C 192 8.99 38.73 -18.43
N PHE C 193 9.89 38.18 -17.60
CA PHE C 193 9.49 37.21 -16.60
C PHE C 193 9.53 37.91 -15.26
N THR C 194 8.44 37.81 -14.51
CA THR C 194 8.32 38.52 -13.24
C THR C 194 8.08 37.57 -12.09
N TYR C 195 8.96 37.63 -11.08
CA TYR C 195 8.70 37.00 -9.80
C TYR C 195 7.95 37.97 -8.91
N GLY C 196 6.81 37.54 -8.40
CA GLY C 196 6.10 38.27 -7.36
C GLY C 196 6.35 37.58 -6.05
N LEU C 197 7.28 38.10 -5.26
CA LEU C 197 7.74 37.45 -4.05
C LEU C 197 6.95 37.85 -2.82
N LEU C 198 6.61 36.85 -2.01
CA LEU C 198 5.96 37.07 -0.73
C LEU C 198 6.71 36.32 0.37
N ASP C 199 6.33 36.58 1.62
CA ASP C 199 6.87 35.86 2.77
C ASP C 199 6.56 34.37 2.69
N ASP C 200 5.40 34.02 2.14
CA ASP C 200 4.85 32.67 2.29
C ASP C 200 4.38 32.04 0.97
N GLY C 201 5.02 32.42 -0.13
CA GLY C 201 4.62 31.96 -1.47
C GLY C 201 5.15 32.90 -2.52
N HIS C 202 4.89 32.60 -3.78
CA HIS C 202 5.28 33.50 -4.85
C HIS C 202 4.38 33.38 -6.06
N LEU C 203 4.48 34.37 -6.93
CA LEU C 203 3.82 34.35 -8.22
C LEU C 203 4.87 34.46 -9.31
N ILE C 204 4.57 33.90 -10.47
CA ILE C 204 5.37 34.13 -11.65
C ILE C 204 4.42 34.54 -12.75
N ALA C 205 4.91 35.37 -13.67
CA ALA C 205 4.11 35.79 -14.80
C ALA C 205 5.03 36.02 -15.98
N TYR C 206 4.52 35.70 -17.16
CA TYR C 206 5.25 35.94 -18.40
C TYR C 206 4.32 35.78 -19.62
N PRO C 207 4.67 36.45 -20.74
CA PRO C 207 3.82 36.35 -21.92
C PRO C 207 3.99 35.01 -22.62
N ILE C 208 2.92 34.54 -23.24
CA ILE C 208 2.95 33.32 -24.02
C ILE C 208 2.32 33.57 -25.38
N PRO C 209 2.58 32.70 -26.36
CA PRO C 209 1.93 32.86 -27.66
C PRO C 209 0.42 32.73 -27.56
N GLY C 210 -0.27 33.31 -28.53
CA GLY C 210 -1.72 33.20 -28.64
C GLY C 210 -2.15 31.74 -28.65
N ARG C 211 -3.35 31.48 -28.14
CA ARG C 211 -3.97 30.14 -28.18
C ARG C 211 -3.85 29.51 -29.59
N GLU C 212 -3.82 30.36 -30.61
CA GLU C 212 -3.83 29.94 -32.00
C GLU C 212 -2.97 30.90 -32.86
N ASN C 213 -2.19 30.31 -33.78
CA ASN C 213 -1.13 30.99 -34.53
C ASN C 213 -1.26 32.47 -34.91
N ALA C 214 -2.45 32.91 -35.36
CA ALA C 214 -2.63 34.31 -35.72
C ALA C 214 -3.39 35.16 -34.67
N GLU C 215 -3.21 34.82 -33.39
CA GLU C 215 -3.84 35.55 -32.28
C GLU C 215 -2.77 36.27 -31.46
N SER C 216 -3.16 37.37 -30.82
CA SER C 216 -2.26 38.14 -29.96
C SER C 216 -1.66 37.30 -28.82
N PRO C 217 -0.44 37.65 -28.40
CA PRO C 217 0.18 36.99 -27.24
C PRO C 217 -0.71 37.10 -26.00
N ARG C 218 -0.52 36.21 -25.05
CA ARG C 218 -1.31 36.20 -23.82
C ARG C 218 -0.39 36.32 -22.61
N LEU C 219 -0.96 36.58 -21.44
CA LEU C 219 -0.18 36.57 -20.20
C LEU C 219 -0.46 35.32 -19.41
N ASN C 220 0.61 34.64 -19.04
CA ASN C 220 0.54 33.42 -18.28
C ASN C 220 0.95 33.74 -16.87
N PHE C 221 0.22 33.23 -15.88
CA PHE C 221 0.69 33.36 -14.52
C PHE C 221 0.40 32.16 -13.64
N GLN C 222 1.21 32.03 -12.60
CA GLN C 222 0.99 31.04 -11.57
C GLN C 222 1.12 31.68 -10.21
N TRP C 223 0.31 31.17 -9.27
CA TRP C 223 0.43 31.59 -7.89
C TRP C 223 0.55 30.36 -6.97
N TYR C 224 1.73 30.19 -6.36
CA TYR C 224 1.98 29.01 -5.52
C TYR C 224 1.56 29.25 -4.06
N TRP C 225 0.72 28.35 -3.54
CA TRP C 225 0.19 28.44 -2.18
C TRP C 225 0.65 27.26 -1.35
N ASN C 226 1.11 27.51 -0.14
CA ASN C 226 1.34 26.46 0.83
C ASN C 226 0.00 25.98 1.39
N VAL C 227 -0.25 24.69 1.30
CA VAL C 227 -1.48 24.11 1.83
C VAL C 227 -1.15 22.85 2.59
N ALA C 228 -1.53 22.83 3.86
CA ALA C 228 -1.28 21.70 4.75
C ALA C 228 -1.97 20.45 4.25
N GLU C 229 -1.20 19.37 4.10
CA GLU C 229 -1.76 18.07 3.72
C GLU C 229 -2.83 17.68 4.74
N GLY C 230 -3.77 16.82 4.33
CA GLY C 230 -4.90 16.45 5.18
C GLY C 230 -6.10 17.30 4.84
N PRO C 231 -6.90 17.68 5.86
CA PRO C 231 -8.12 18.49 5.73
C PRO C 231 -8.03 19.70 4.77
N ASP C 232 -6.94 20.45 4.83
CA ASP C 232 -6.85 21.66 4.03
C ASP C 232 -6.64 21.35 2.56
N LEU C 233 -5.70 20.45 2.27
CA LEU C 233 -5.45 20.05 0.89
C LEU C 233 -6.62 19.27 0.31
N ASP C 234 -7.25 18.46 1.14
CA ASP C 234 -8.39 17.67 0.69
C ASP C 234 -9.54 18.58 0.27
N GLU C 235 -9.80 19.65 1.03
CA GLU C 235 -10.90 20.54 0.71
C GLU C 235 -10.58 21.39 -0.50
N LEU C 236 -9.31 21.65 -0.73
CA LEU C 236 -8.94 22.39 -1.92
C LEU C 236 -9.04 21.51 -3.17
N MET C 237 -8.70 20.24 -3.04
CA MET C 237 -8.64 19.38 -4.20
C MET C 237 -9.93 18.63 -4.49
N THR C 238 -10.98 18.98 -3.76
CA THR C 238 -12.28 18.34 -3.99
C THR C 238 -13.08 19.25 -4.93
N ASP C 239 -13.61 18.65 -6.00
CA ASP C 239 -14.38 19.39 -7.02
C ASP C 239 -15.81 19.64 -6.56
N VAL C 240 -16.57 20.29 -7.43
CA VAL C 240 -17.92 20.72 -7.07
C VAL C 240 -18.85 19.53 -6.84
N ARG C 241 -18.53 18.37 -7.42
CA ARG C 241 -19.39 17.22 -7.19
C ARG C 241 -18.90 16.24 -6.11
N GLY C 242 -17.90 16.66 -5.34
CA GLY C 242 -17.44 15.93 -4.16
C GLY C 242 -16.35 14.90 -4.41
N ILE C 243 -15.61 15.07 -5.50
CA ILE C 243 -14.51 14.14 -5.79
C ILE C 243 -13.21 14.80 -5.46
N ARG C 244 -12.46 14.17 -4.56
CA ARG C 244 -11.12 14.64 -4.18
C ARG C 244 -10.20 14.25 -5.30
N LEU C 245 -9.81 15.19 -6.14
CA LEU C 245 -9.03 14.83 -7.33
C LEU C 245 -7.55 14.69 -7.01
N PRO C 246 -6.86 13.82 -7.75
CA PRO C 246 -5.45 13.58 -7.42
C PRO C 246 -4.44 14.67 -7.81
N THR C 247 -4.70 15.42 -8.88
CA THR C 247 -3.67 16.29 -9.49
C THR C 247 -4.12 17.73 -9.76
N SER C 248 -5.23 17.89 -10.50
CA SER C 248 -5.76 19.22 -10.78
C SER C 248 -7.26 19.30 -10.48
N VAL C 249 -7.76 20.50 -10.20
CA VAL C 249 -9.18 20.75 -10.25
C VAL C 249 -9.36 21.83 -11.30
N HIS C 250 -9.97 21.49 -12.43
CA HIS C 250 -10.16 22.46 -13.48
C HIS C 250 -11.23 23.44 -13.17
N ASN C 251 -11.11 24.62 -13.79
CA ASN C 251 -11.97 25.76 -13.52
C ASN C 251 -13.47 25.40 -13.54
N ASN C 252 -13.92 24.63 -14.51
CA ASN C 252 -15.35 24.32 -14.61
C ASN C 252 -15.86 23.49 -13.44
N SER C 253 -14.94 22.99 -12.64
CA SER C 253 -15.25 22.02 -11.59
C SER C 253 -14.91 22.49 -10.18
N LEU C 254 -14.43 23.74 -10.06
CA LEU C 254 -14.08 24.28 -8.78
C LEU C 254 -15.25 24.37 -7.83
N ASN C 255 -14.98 24.09 -6.56
CA ASN C 255 -15.85 24.46 -5.49
C ASN C 255 -15.88 26.00 -5.50
N PRO C 256 -17.08 26.61 -5.66
CA PRO C 256 -17.13 28.09 -5.63
C PRO C 256 -16.34 28.71 -4.47
N HIS C 257 -16.41 28.08 -3.30
CA HIS C 257 -15.70 28.56 -2.12
C HIS C 257 -14.21 28.77 -2.37
N ASN C 258 -13.59 27.82 -3.07
CA ASN C 258 -12.17 27.88 -3.35
C ASN C 258 -11.82 28.96 -4.34
N LEU C 259 -12.71 29.17 -5.29
CA LEU C 259 -12.54 30.25 -6.25
C LEU C 259 -12.66 31.60 -5.54
N ARG C 260 -13.65 31.72 -4.66
CA ARG C 260 -13.80 32.94 -3.87
C ARG C 260 -12.55 33.25 -3.05
N GLN C 261 -11.99 32.21 -2.44
CA GLN C 261 -10.79 32.33 -1.63
C GLN C 261 -9.59 32.78 -2.47
N PHE C 262 -9.47 32.19 -3.67
CA PHE C 262 -8.44 32.59 -4.62
C PHE C 262 -8.54 34.09 -4.92
N HIS C 263 -9.74 34.54 -5.26
CA HIS C 263 -9.94 35.94 -5.52
C HIS C 263 -9.66 36.75 -4.27
N SER C 264 -10.23 36.33 -3.15
CA SER C 264 -10.19 37.16 -1.98
C SER C 264 -8.78 37.30 -1.37
N LYS C 265 -7.97 36.24 -1.44
CA LYS C 265 -6.54 36.33 -1.11
C LYS C 265 -5.80 37.23 -2.08
N GLY C 266 -6.24 37.24 -3.32
CA GLY C 266 -5.60 38.01 -4.38
C GLY C 266 -5.79 39.51 -4.20
N GLU C 267 -6.84 39.89 -3.49
CA GLU C 267 -7.13 41.29 -3.16
C GLU C 267 -6.01 42.03 -2.41
N SER C 268 -5.25 41.29 -1.60
CA SER C 268 -4.12 41.85 -0.84
C SER C 268 -2.95 42.22 -1.71
N LEU C 269 -2.81 41.58 -2.85
CA LEU C 269 -1.63 41.74 -3.69
C LEU C 269 -1.53 43.12 -4.32
N PHE C 270 -0.31 43.51 -4.64
CA PHE C 270 -0.03 44.75 -5.34
C PHE C 270 -0.81 44.75 -6.64
N LYS C 271 -1.37 45.93 -6.97
CA LYS C 271 -2.32 46.09 -8.08
C LYS C 271 -2.16 45.14 -9.28
N PRO C 272 -1.00 45.21 -10.01
CA PRO C 272 -0.88 44.37 -11.21
C PRO C 272 -1.05 42.88 -10.98
N PHE C 273 -0.52 42.34 -9.89
CA PHE C 273 -0.70 40.92 -9.59
C PHE C 273 -2.12 40.67 -9.15
N ARG C 274 -2.66 41.58 -8.35
CA ARG C 274 -4.05 41.52 -7.92
C ARG C 274 -4.94 41.36 -9.14
N ASP C 275 -4.70 42.19 -10.15
CA ASP C 275 -5.51 42.19 -11.35
C ASP C 275 -5.39 40.92 -12.19
N LEU C 276 -4.18 40.35 -12.27
CA LEU C 276 -4.02 39.06 -12.94
C LEU C 276 -4.95 38.06 -12.28
N VAL C 277 -4.86 37.98 -10.96
CA VAL C 277 -5.65 37.03 -10.16
C VAL C 277 -7.17 37.22 -10.27
N LEU C 278 -7.63 38.46 -10.19
CA LEU C 278 -9.05 38.73 -10.08
C LEU C 278 -9.74 38.66 -11.42
N ASN C 279 -8.99 38.89 -12.48
CA ASN C 279 -9.56 39.01 -13.81
C ASN C 279 -9.42 37.77 -14.69
N ALA C 280 -8.51 36.86 -14.35
CA ALA C 280 -8.41 35.61 -15.11
C ALA C 280 -9.78 34.96 -15.17
N SER C 281 -10.17 34.46 -16.34
CA SER C 281 -11.50 33.86 -16.46
C SER C 281 -11.52 32.37 -16.08
N SER C 282 -10.39 31.68 -16.25
CA SER C 282 -10.34 30.25 -15.97
C SER C 282 -9.18 29.77 -15.10
N PRO C 283 -9.01 30.36 -13.91
CA PRO C 283 -7.93 29.86 -13.11
C PRO C 283 -8.27 28.46 -12.63
N PHE C 284 -7.24 27.64 -12.42
CA PHE C 284 -7.39 26.31 -11.89
C PHE C 284 -6.17 25.94 -11.09
N VAL C 285 -6.26 24.85 -10.35
CA VAL C 285 -5.25 24.51 -9.35
C VAL C 285 -4.66 23.10 -9.57
N THR C 286 -3.34 23.00 -9.37
CA THR C 286 -2.61 21.77 -9.58
C THR C 286 -1.68 21.57 -8.38
N VAL C 287 -1.68 20.37 -7.78
CA VAL C 287 -0.76 20.14 -6.67
C VAL C 287 0.66 20.01 -7.20
N VAL C 288 1.62 20.49 -6.41
CA VAL C 288 3.03 20.26 -6.71
C VAL C 288 3.43 19.01 -5.95
N ALA C 289 3.83 17.98 -6.69
CA ALA C 289 4.21 16.70 -6.09
C ALA C 289 5.43 16.17 -6.81
N ASP C 290 6.32 15.48 -6.11
CA ASP C 290 7.48 14.93 -6.80
C ASP C 290 7.66 13.43 -6.59
N ALA C 291 8.41 12.82 -7.50
CA ALA C 291 8.81 11.43 -7.37
C ALA C 291 10.21 11.22 -7.91
N THR C 292 10.92 10.24 -7.34
CA THR C 292 12.22 9.86 -7.89
C THR C 292 12.27 8.33 -8.05
N VAL C 293 13.18 7.87 -8.90
CA VAL C 293 13.42 6.44 -9.07
C VAL C 293 14.91 6.16 -8.94
N ASP C 294 15.27 4.89 -8.81
CA ASP C 294 16.67 4.52 -8.76
C ASP C 294 17.20 3.99 -10.07
N ARG C 295 16.29 3.48 -10.90
CA ARG C 295 16.66 2.96 -12.20
C ARG C 295 15.57 3.38 -13.17
N MET C 296 15.99 3.66 -14.40
CA MET C 296 15.04 3.92 -15.47
C MET C 296 14.93 2.69 -16.35
N VAL C 297 15.91 1.78 -16.26
CA VAL C 297 15.82 0.52 -16.99
C VAL C 297 15.19 -0.56 -16.09
N HIS C 298 14.20 -1.26 -16.60
CA HIS C 298 13.51 -2.29 -15.82
C HIS C 298 13.18 -3.44 -16.72
N GLY C 299 14.17 -4.31 -16.93
CA GLY C 299 14.06 -5.37 -17.91
C GLY C 299 13.90 -4.75 -19.28
N ARG C 300 12.72 -4.89 -19.86
CA ARG C 300 12.50 -4.38 -21.20
C ARG C 300 11.69 -3.10 -21.17
N VAL C 301 11.51 -2.57 -19.96
CA VAL C 301 10.67 -1.40 -19.75
C VAL C 301 11.51 -0.24 -19.25
N LEU C 302 11.29 0.91 -19.90
CA LEU C 302 12.09 2.11 -19.68
C LEU C 302 11.22 3.26 -19.25
N LEU C 303 11.68 4.06 -18.30
CA LEU C 303 10.94 5.21 -17.81
C LEU C 303 11.62 6.48 -18.24
N ILE C 304 10.88 7.38 -18.88
CA ILE C 304 11.44 8.66 -19.30
C ILE C 304 10.53 9.80 -18.91
N GLY C 305 11.06 11.01 -18.93
CA GLY C 305 10.26 12.20 -18.64
C GLY C 305 9.73 12.20 -17.22
N ASP C 306 8.49 12.64 -17.03
CA ASP C 306 7.96 12.80 -15.70
C ASP C 306 7.68 11.43 -15.12
N ALA C 307 7.62 10.43 -15.98
CA ALA C 307 7.43 9.04 -15.52
C ALA C 307 8.62 8.53 -14.73
N ALA C 308 9.80 9.08 -14.97
CA ALA C 308 11.00 8.73 -14.21
C ALA C 308 11.16 9.66 -13.01
N VAL C 309 11.79 10.82 -13.22
CA VAL C 309 11.91 11.80 -12.16
C VAL C 309 10.79 12.80 -12.39
N THR C 310 9.88 12.89 -11.43
CA THR C 310 8.83 13.88 -11.48
C THR C 310 9.32 15.13 -10.77
N PRO C 311 9.54 16.22 -11.52
CA PRO C 311 10.09 17.45 -10.97
C PRO C 311 9.02 18.45 -10.52
N ARG C 312 9.46 19.56 -9.94
CA ARG C 312 8.61 20.68 -9.59
C ARG C 312 8.94 21.76 -10.61
N PRO C 313 8.00 22.68 -10.86
CA PRO C 313 8.10 23.61 -12.01
C PRO C 313 9.17 24.72 -11.98
N HIS C 314 9.88 24.85 -10.87
CA HIS C 314 10.58 26.10 -10.57
C HIS C 314 11.74 26.44 -11.49
N ALA C 315 12.36 25.43 -12.08
CA ALA C 315 13.52 25.65 -12.92
C ALA C 315 13.13 25.63 -14.40
N ALA C 316 11.83 25.46 -14.66
CA ALA C 316 11.26 25.64 -16.00
C ALA C 316 11.94 24.79 -17.06
N ALA C 317 12.25 23.55 -16.71
CA ALA C 317 12.96 22.65 -17.62
C ALA C 317 12.40 21.23 -17.64
N GLY C 318 11.28 21.00 -16.97
CA GLY C 318 10.68 19.67 -16.91
C GLY C 318 10.45 19.04 -18.27
N GLY C 319 9.83 19.79 -19.17
CA GLY C 319 9.66 19.39 -20.57
C GLY C 319 10.98 19.13 -21.26
N ALA C 320 11.98 19.94 -20.95
CA ALA C 320 13.30 19.78 -21.55
C ALA C 320 13.93 18.44 -21.14
N LYS C 321 13.75 18.07 -19.87
CA LYS C 321 14.31 16.84 -19.33
C LYS C 321 13.66 15.66 -20.02
N ALA C 322 12.33 15.76 -20.16
CA ALA C 322 11.53 14.79 -20.85
C ALA C 322 12.08 14.62 -22.25
N SER C 323 12.20 15.74 -22.96
CA SER C 323 12.73 15.73 -24.32
C SER C 323 14.11 15.12 -24.40
N ASP C 324 14.96 15.45 -23.43
CA ASP C 324 16.32 14.88 -23.40
C ASP C 324 16.32 13.37 -23.17
N ASP C 325 15.55 12.93 -22.19
CA ASP C 325 15.35 11.52 -21.94
C ASP C 325 15.04 10.81 -23.25
N ALA C 326 14.02 11.29 -23.94
CA ALA C 326 13.59 10.68 -25.21
C ALA C 326 14.68 10.72 -26.29
N ARG C 327 15.28 11.88 -26.49
CA ARG C 327 16.34 12.03 -27.47
C ARG C 327 17.37 10.93 -27.26
N THR C 328 17.95 10.93 -26.06
CA THR C 328 19.04 10.04 -25.71
C THR C 328 18.65 8.56 -25.77
N LEU C 329 17.41 8.25 -25.38
CA LEU C 329 16.98 6.86 -25.40
C LEU C 329 16.79 6.34 -26.80
N ALA C 330 16.14 7.14 -27.65
CA ALA C 330 16.05 6.83 -29.09
C ALA C 330 17.42 6.57 -29.70
N GLU C 331 18.40 7.42 -29.37
CA GLU C 331 19.75 7.27 -29.90
C GLU C 331 20.37 5.95 -29.47
N VAL C 332 19.94 5.44 -28.32
CA VAL C 332 20.39 4.11 -27.88
C VAL C 332 19.88 3.08 -28.87
N PHE C 333 18.59 3.14 -29.19
CA PHE C 333 17.99 2.21 -30.15
C PHE C 333 18.44 2.46 -31.59
N THR C 334 18.87 3.69 -31.87
CA THR C 334 19.36 4.05 -33.19
C THR C 334 20.76 3.49 -33.38
N LYS C 335 21.62 3.72 -32.39
CA LYS C 335 23.02 3.26 -32.40
C LYS C 335 23.06 1.72 -32.39
N ASN C 336 22.17 1.11 -31.61
CA ASN C 336 21.91 -0.33 -31.64
C ASN C 336 23.15 -1.21 -31.64
N HIS C 337 23.87 -1.19 -30.54
CA HIS C 337 25.07 -2.01 -30.39
C HIS C 337 25.14 -2.41 -28.92
N ASP C 338 24.85 -3.68 -28.62
CA ASP C 338 24.77 -4.14 -27.23
C ASP C 338 23.76 -3.25 -26.44
N LEU C 339 22.47 -3.53 -26.64
CA LEU C 339 21.44 -2.71 -25.98
C LEU C 339 21.47 -2.78 -24.44
N ARG C 340 21.55 -3.99 -23.89
CA ARG C 340 21.69 -4.16 -22.43
C ARG C 340 22.69 -3.15 -21.87
N GLY C 341 23.89 -3.13 -22.44
CA GLY C 341 24.95 -2.23 -22.00
C GLY C 341 24.67 -0.78 -22.34
N SER C 342 24.28 -0.53 -23.58
CA SER C 342 23.92 0.83 -24.03
C SER C 342 22.90 1.48 -23.09
N LEU C 343 21.90 0.71 -22.67
CA LEU C 343 20.85 1.21 -21.79
C LEU C 343 21.34 1.59 -20.39
N GLN C 344 22.17 0.75 -19.80
CA GLN C 344 22.82 1.08 -18.53
C GLN C 344 23.67 2.38 -18.58
N SER C 345 24.41 2.59 -19.66
CA SER C 345 25.10 3.86 -19.89
C SER C 345 24.12 5.03 -19.91
N TRP C 346 23.04 4.86 -20.68
CA TRP C 346 21.99 5.85 -20.84
C TRP C 346 21.35 6.23 -19.50
N GLU C 347 20.85 5.25 -18.77
CA GLU C 347 20.21 5.54 -17.49
C GLU C 347 21.15 6.23 -16.50
N THR C 348 22.41 5.78 -16.43
CA THR C 348 23.38 6.38 -15.53
C THR C 348 23.49 7.89 -15.78
N ARG C 349 23.56 8.27 -17.04
CA ARG C 349 23.61 9.68 -17.37
C ARG C 349 22.32 10.40 -17.03
N GLN C 350 21.19 9.80 -17.41
CA GLN C 350 19.88 10.42 -17.22
C GLN C 350 19.47 10.51 -15.76
N LEU C 351 19.82 9.51 -14.96
CA LEU C 351 19.47 9.53 -13.55
C LEU C 351 20.23 10.64 -12.84
N GLN C 352 21.51 10.79 -13.21
CA GLN C 352 22.32 11.90 -12.73
C GLN C 352 21.59 13.21 -13.01
N GLN C 353 21.09 13.36 -14.24
CA GLN C 353 20.48 14.61 -14.66
C GLN C 353 19.19 14.84 -13.90
N GLY C 354 18.41 13.77 -13.81
CA GLY C 354 17.13 13.80 -13.13
C GLY C 354 17.27 14.13 -11.66
N HIS C 355 18.22 13.48 -10.99
CA HIS C 355 18.40 13.70 -9.56
C HIS C 355 18.93 15.08 -9.28
N ALA C 356 19.91 15.53 -10.06
CA ALA C 356 20.46 16.87 -9.89
C ALA C 356 19.34 17.89 -10.09
N TYR C 357 18.51 17.67 -11.10
CA TYR C 357 17.43 18.60 -11.39
C TYR C 357 16.44 18.66 -10.24
N LEU C 358 16.05 17.49 -9.73
CA LEU C 358 15.12 17.47 -8.61
C LEU C 358 15.69 18.23 -7.42
N ASN C 359 16.96 17.99 -7.12
CA ASN C 359 17.60 18.69 -6.02
C ASN C 359 17.65 20.18 -6.26
N LYS C 360 17.85 20.56 -7.52
CA LYS C 360 17.88 21.95 -7.87
C LYS C 360 16.55 22.60 -7.50
N VAL C 361 15.46 22.06 -8.04
CA VAL C 361 14.16 22.68 -7.83
C VAL C 361 13.71 22.65 -6.37
N LYS C 362 14.07 21.59 -5.66
CA LYS C 362 13.77 21.49 -4.23
C LYS C 362 14.38 22.65 -3.47
N LYS C 363 15.61 22.98 -3.84
CA LYS C 363 16.32 24.05 -3.16
C LYS C 363 15.64 25.41 -3.44
N MET C 364 15.15 25.57 -4.66
CA MET C 364 14.46 26.78 -5.08
C MET C 364 13.16 26.91 -4.31
N ALA C 365 12.47 25.78 -4.16
CA ALA C 365 11.19 25.73 -3.46
C ALA C 365 11.21 26.32 -2.05
N SER C 366 12.21 26.01 -1.23
CA SER C 366 12.19 26.55 0.14
C SER C 366 12.45 28.04 0.23
N ARG C 367 13.15 28.58 -0.75
CA ARG C 367 13.31 30.02 -0.79
C ARG C 367 12.00 30.68 -1.21
N LEU C 368 11.44 30.22 -2.34
CA LEU C 368 10.29 30.87 -2.96
C LEU C 368 9.00 30.71 -2.17
N GLN C 369 8.89 29.63 -1.40
CA GLN C 369 7.67 29.37 -0.63
C GLN C 369 7.72 29.86 0.81
N HIS C 370 8.89 30.30 1.29
CA HIS C 370 9.03 30.68 2.70
C HIS C 370 9.82 31.96 2.92
N GLY C 371 9.84 32.81 1.89
CA GLY C 371 10.48 34.12 1.97
C GLY C 371 11.98 34.04 2.21
N GLY C 372 12.62 33.04 1.61
CA GLY C 372 14.06 32.86 1.72
C GLY C 372 14.80 33.77 0.77
N SER C 373 16.10 33.91 0.98
CA SER C 373 16.96 34.69 0.10
C SER C 373 16.83 34.17 -1.34
N PHE C 374 16.71 35.09 -2.29
CA PHE C 374 16.52 34.77 -3.71
C PHE C 374 17.12 35.90 -4.55
N GLU C 375 18.44 36.03 -4.45
CA GLU C 375 19.25 36.95 -5.24
C GLU C 375 18.82 37.02 -6.72
N PRO C 376 18.57 38.24 -7.23
CA PRO C 376 18.38 38.46 -8.65
C PRO C 376 19.56 37.95 -9.47
N GLY C 377 19.32 36.91 -10.27
CA GLY C 377 20.35 36.38 -11.16
C GLY C 377 21.37 35.46 -10.52
N ASN C 378 20.98 34.81 -9.42
CA ASN C 378 21.79 33.76 -8.78
C ASN C 378 21.87 32.53 -9.69
N PRO C 379 23.07 32.22 -10.21
CA PRO C 379 23.28 31.11 -11.17
C PRO C 379 22.69 29.78 -10.74
N ALA C 380 22.71 29.51 -9.43
CA ALA C 380 22.09 28.28 -8.89
C ALA C 380 20.57 28.23 -9.08
N PHE C 381 19.95 29.39 -9.31
CA PHE C 381 18.50 29.51 -9.45
C PHE C 381 18.05 29.93 -10.85
N ALA C 382 18.99 29.92 -11.80
CA ALA C 382 18.65 30.16 -13.21
C ALA C 382 17.87 28.95 -13.74
N PHE C 383 16.96 29.18 -14.69
CA PHE C 383 16.22 28.10 -15.34
C PHE C 383 17.14 27.17 -16.14
N GLY C 384 16.71 25.92 -16.30
CA GLY C 384 17.39 24.97 -17.18
C GLY C 384 17.88 23.69 -16.51
N LEU C 385 18.27 22.72 -17.33
CA LEU C 385 18.93 21.52 -16.83
C LEU C 385 20.34 21.86 -16.35
N PRO C 386 20.80 21.17 -15.29
CA PRO C 386 22.11 21.58 -14.76
C PRO C 386 23.22 21.21 -15.72
N LYS C 387 24.31 21.95 -15.69
CA LYS C 387 25.48 21.61 -16.51
C LYS C 387 25.88 20.12 -16.43
N VAL C 388 25.74 19.50 -15.26
CA VAL C 388 26.37 18.20 -14.91
C VAL C 388 27.13 17.46 -16.01
#